data_3QCR
# 
_entry.id   3QCR 
# 
_audit_conform.dict_name       mmcif_pdbx.dic 
_audit_conform.dict_version    5.379 
_audit_conform.dict_location   http://mmcif.pdb.org/dictionaries/ascii/mmcif_pdbx.dic 
# 
loop_
_database_2.database_id 
_database_2.database_code 
_database_2.pdbx_database_accession 
_database_2.pdbx_DOI 
PDB   3QCR         pdb_00003qcr 10.2210/pdb3qcr/pdb 
NDB   NA0921       ?            ?                   
RCSB  RCSB063480   ?            ?                   
WWPDB D_1000063480 ?            ?                   
# 
_pdbx_database_related.db_name        PDB 
_pdbx_database_related.db_id          3MIJ 
_pdbx_database_related.details        'The same acridine compound bound to the equivalent RNA quadruplex' 
_pdbx_database_related.content_type   unspecified 
# 
_pdbx_database_status.status_code                     REL 
_pdbx_database_status.entry_id                        3QCR 
_pdbx_database_status.recvd_initial_deposition_date   2011-01-17 
_pdbx_database_status.deposit_site                    RCSB 
_pdbx_database_status.process_site                    RCSB 
_pdbx_database_status.status_code_sf                  REL 
_pdbx_database_status.status_code_mr                  ? 
_pdbx_database_status.SG_entry                        ? 
_pdbx_database_status.status_code_cs                  ? 
_pdbx_database_status.pdb_format_compatible           Y 
_pdbx_database_status.status_code_nmr_data            ? 
_pdbx_database_status.methods_development_category    ? 
# 
loop_
_audit_author.name 
_audit_author.pdbx_ordinal 
'Collie, G.W.'    1 
'Neidle, S.'      2 
'Parkinson, G.N.' 3 
# 
_citation.id                        primary 
_citation.title                     'Structural basis of telomeric RNA quadruplex-acridine ligand recognition.' 
_citation.journal_abbrev            J.Am.Chem.Soc. 
_citation.journal_volume            133 
_citation.page_first                2721 
_citation.page_last                 2728 
_citation.year                      2011 
_citation.journal_id_ASTM           JACSAT 
_citation.country                   US 
_citation.journal_id_ISSN           0002-7863 
_citation.journal_id_CSD            0004 
_citation.book_publisher            ? 
_citation.pdbx_database_id_PubMed   21291211 
_citation.pdbx_database_id_DOI      10.1021/ja109767y 
# 
loop_
_citation_author.citation_id 
_citation_author.name 
_citation_author.ordinal 
_citation_author.identifier_ORCID 
primary 'Collie, G.W.'    1 ? 
primary 'Sparapani, S.'   2 ? 
primary 'Parkinson, G.N.' 3 ? 
primary 'Neidle, S.'      4 ? 
# 
_cell.entry_id           3QCR 
_cell.length_a           71.674 
_cell.length_b           71.674 
_cell.length_c           29.370 
_cell.angle_alpha        90.00 
_cell.angle_beta         90.00 
_cell.angle_gamma        120.00 
_cell.Z_PDB              12 
_cell.pdbx_unique_axis   ? 
_cell.length_a_esd       ? 
_cell.length_b_esd       ? 
_cell.length_c_esd       ? 
_cell.angle_alpha_esd    ? 
_cell.angle_beta_esd     ? 
_cell.angle_gamma_esd    ? 
# 
_symmetry.entry_id                         3QCR 
_symmetry.space_group_name_H-M             'P 62 2 2' 
_symmetry.pdbx_full_space_group_name_H-M   ? 
_symmetry.cell_setting                     ? 
_symmetry.Int_Tables_number                180 
_symmetry.space_group_name_Hall            ? 
# 
loop_
_entity.id 
_entity.type 
_entity.src_method 
_entity.pdbx_description 
_entity.formula_weight 
_entity.pdbx_number_of_molecules 
_entity.pdbx_ec 
_entity.pdbx_mutation 
_entity.pdbx_fragment 
_entity.details 
1 polymer     syn 'Human telomeric repeat deoxyribonucleic acid'                                                            
3773.462 1 ? ? ? ? 
2 non-polymer syn 'POTASSIUM ION'                                                                                           39.098 
2 ? ? ? ? 
3 non-polymer syn "N,N'-[acridine-3,6-diylbis(1H-1,2,3-triazole-1,4-diylbenzene-3,1-diyl)]bis[3-(diethylamino)propanamide]" 
749.906  1 ? ? ? ? 
# 
_entity_poly.entity_id                      1 
_entity_poly.type                           polydeoxyribonucleotide 
_entity_poly.nstd_linkage                   no 
_entity_poly.nstd_monomer                   no 
_entity_poly.pdbx_seq_one_letter_code       '(DT)(DA)(DG)(DG)(DG)(DT)(DT)(DA)(DG)(DG)(DG)(DT)' 
_entity_poly.pdbx_seq_one_letter_code_can   TAGGGTTAGGGT 
_entity_poly.pdbx_strand_id                 A 
_entity_poly.pdbx_target_identifier         ? 
# 
loop_
_entity_poly_seq.entity_id 
_entity_poly_seq.num 
_entity_poly_seq.mon_id 
_entity_poly_seq.hetero 
1 1  DT n 
1 2  DA n 
1 3  DG n 
1 4  DG n 
1 5  DG n 
1 6  DT n 
1 7  DT n 
1 8  DA n 
1 9  DG n 
1 10 DG n 
1 11 DG n 
1 12 DT n 
# 
_pdbx_entity_src_syn.entity_id              1 
_pdbx_entity_src_syn.pdbx_src_id            1 
_pdbx_entity_src_syn.pdbx_alt_source_flag   sample 
_pdbx_entity_src_syn.pdbx_beg_seq_num       ? 
_pdbx_entity_src_syn.pdbx_end_seq_num       ? 
_pdbx_entity_src_syn.organism_scientific    'Homo sapiens' 
_pdbx_entity_src_syn.organism_common_name   human 
_pdbx_entity_src_syn.ncbi_taxonomy_id       9606 
_pdbx_entity_src_syn.details                'Deoxyribonucleic acid synthesised by standard phosphoramidite chemistry' 
# 
_struct_ref.id                         1 
_struct_ref.db_name                    PDB 
_struct_ref.db_code                    3QCR 
_struct_ref.pdbx_db_accession          3QCR 
_struct_ref.entity_id                  1 
_struct_ref.pdbx_seq_one_letter_code   TAGGGTTAGGGT 
_struct_ref.pdbx_align_begin           ? 
_struct_ref.pdbx_db_isoform            ? 
# 
_struct_ref_seq.align_id                      1 
_struct_ref_seq.ref_id                        1 
_struct_ref_seq.pdbx_PDB_id_code              3QCR 
_struct_ref_seq.pdbx_strand_id                A 
_struct_ref_seq.seq_align_beg                 1 
_struct_ref_seq.pdbx_seq_align_beg_ins_code   ? 
_struct_ref_seq.seq_align_end                 12 
_struct_ref_seq.pdbx_seq_align_end_ins_code   ? 
_struct_ref_seq.pdbx_db_accession             3QCR 
_struct_ref_seq.db_align_beg                  1 
_struct_ref_seq.pdbx_db_align_beg_ins_code    ? 
_struct_ref_seq.db_align_end                  12 
_struct_ref_seq.pdbx_db_align_end_ins_code    ? 
_struct_ref_seq.pdbx_auth_seq_align_beg       1 
_struct_ref_seq.pdbx_auth_seq_align_end       12 
# 
loop_
_chem_comp.id 
_chem_comp.type 
_chem_comp.mon_nstd_flag 
_chem_comp.name 
_chem_comp.pdbx_synonyms 
_chem_comp.formula 
_chem_comp.formula_weight 
DA  'DNA linking' y "2'-DEOXYADENOSINE-5'-MONOPHOSPHATE"                                                                      ? 
'C10 H14 N5 O6 P' 331.222 
DG  'DNA linking' y "2'-DEOXYGUANOSINE-5'-MONOPHOSPHATE"                                                                      ? 
'C10 H14 N5 O7 P' 347.221 
DT  'DNA linking' y "THYMIDINE-5'-MONOPHOSPHATE"                                                                              ? 
'C10 H15 N2 O8 P' 322.208 
K   non-polymer   . 'POTASSIUM ION'                                                                                           ? 
'K 1'             39.098  
R14 non-polymer   . "N,N'-[acridine-3,6-diylbis(1H-1,2,3-triazole-1,4-diylbenzene-3,1-diyl)]bis[3-(diethylamino)propanamide]" 
'triazole-acridine conjugate' 'C43 H47 N11 O2'  749.906 
# 
_exptl.entry_id          3QCR 
_exptl.method            'X-RAY DIFFRACTION' 
_exptl.crystals_number   1 
# 
_exptl_crystal.id                    1 
_exptl_crystal.density_meas          ? 
_exptl_crystal.density_Matthews      2.89 
_exptl_crystal.density_percent_sol   57.37 
_exptl_crystal.description           ? 
_exptl_crystal.F_000                 ? 
_exptl_crystal.preparation           ? 
# 
_exptl_crystal_grow.crystal_id      1 
_exptl_crystal_grow.method          'VAPOR DIFFUSION, HANGING DROP' 
_exptl_crystal_grow.temp            285 
_exptl_crystal_grow.temp_details    ? 
_exptl_crystal_grow.pH              6.5 
_exptl_crystal_grow.pdbx_details    'MPD, KCl, Na cacodylate, spermine, pH 6.5, VAPOR DIFFUSION, HANGING DROP, temperature 285K' 
_exptl_crystal_grow.pdbx_pH_range   ? 
# 
_diffrn.id                     1 
_diffrn.ambient_temp           100 
_diffrn.ambient_temp_details   ? 
_diffrn.crystal_id             1 
# 
_diffrn_detector.diffrn_id              1 
_diffrn_detector.detector               CCD 
_diffrn_detector.type                   'ADSC QUANTUM 315' 
_diffrn_detector.pdbx_collection_date   2010-06-28 
_diffrn_detector.details                ? 
# 
_diffrn_radiation.diffrn_id                        1 
_diffrn_radiation.wavelength_id                    1 
_diffrn_radiation.pdbx_monochromatic_or_laue_m_l   M 
_diffrn_radiation.monochromator                    'double crystal (Si 111)' 
_diffrn_radiation.pdbx_diffrn_protocol             'SINGLE WAVELENGTH' 
_diffrn_radiation.pdbx_scattering_type             x-ray 
# 
_diffrn_radiation_wavelength.id           1 
_diffrn_radiation_wavelength.wavelength   0.9763 
_diffrn_radiation_wavelength.wt           1.0 
# 
_diffrn_source.diffrn_id                   1 
_diffrn_source.source                      SYNCHROTRON 
_diffrn_source.type                        'DIAMOND BEAMLINE I03' 
_diffrn_source.pdbx_synchrotron_site       Diamond 
_diffrn_source.pdbx_synchrotron_beamline   I03 
_diffrn_source.pdbx_wavelength             ? 
_diffrn_source.pdbx_wavelength_list        0.9763 
# 
_reflns.entry_id                     3QCR 
_reflns.observed_criterion_sigma_I   2.0 
_reflns.observed_criterion_sigma_F   2.0 
_reflns.d_resolution_low             29.37 
_reflns.d_resolution_high            3.16 
_reflns.number_obs                   1104 
_reflns.number_all                   ? 
_reflns.percent_possible_obs         97.5 
_reflns.pdbx_Rmerge_I_obs            0.102 
_reflns.pdbx_netI_over_sigmaI        19.9 
_reflns.B_iso_Wilson_estimate        ? 
_reflns.pdbx_redundancy              16.9 
_reflns.R_free_details               ? 
_reflns.limit_h_max                  ? 
_reflns.limit_h_min                  ? 
_reflns.limit_k_max                  ? 
_reflns.limit_k_min                  ? 
_reflns.limit_l_max                  ? 
_reflns.limit_l_min                  ? 
_reflns.observed_criterion_F_max     ? 
_reflns.observed_criterion_F_min     ? 
_reflns.pdbx_chi_squared             ? 
_reflns.pdbx_scaling_rejects         ? 
_reflns.pdbx_Rsym_value              ? 
_reflns.pdbx_diffrn_id               1 
_reflns.pdbx_ordinal                 1 
# 
_reflns_shell.d_res_high             3.16 
_reflns_shell.d_res_low              3.26 
_reflns_shell.percent_possible_all   100.0 
_reflns_shell.Rmerge_I_obs           0.115 
_reflns_shell.pdbx_Rsym_value        ? 
_reflns_shell.meanI_over_sigI_obs    ? 
_reflns_shell.pdbx_redundancy        ? 
_reflns_shell.percent_possible_obs   ? 
_reflns_shell.number_unique_all      ? 
_reflns_shell.number_measured_all    ? 
_reflns_shell.number_measured_obs    ? 
_reflns_shell.number_unique_obs      ? 
_reflns_shell.pdbx_chi_squared       ? 
_reflns_shell.pdbx_diffrn_id         ? 
_reflns_shell.pdbx_ordinal           1 
# 
_refine.entry_id                                 3QCR 
_refine.ls_number_reflns_obs                     783 
_refine.ls_number_reflns_all                     ? 
_refine.pdbx_ls_sigma_I                          ? 
_refine.pdbx_ls_sigma_F                          ? 
_refine.pdbx_data_cutoff_high_absF               ? 
_refine.pdbx_data_cutoff_low_absF                ? 
_refine.pdbx_data_cutoff_high_rms_absF           ? 
_refine.ls_d_res_low                             9.96 
_refine.ls_d_res_high                            3.20 
_refine.ls_percent_reflns_obs                    100.00 
_refine.ls_R_factor_obs                          0.34595 
_refine.ls_R_factor_R_work                       0.34391 
_refine.ls_R_factor_R_free                       0.37837 
_refine.ls_R_factor_R_free_error                 ? 
_refine.ls_R_factor_R_free_error_details         ? 
_refine.ls_percent_reflns_R_free                 5.5 
_refine.ls_number_reflns_R_free                  46 
_refine.ls_number_parameters                     ? 
_refine.ls_number_restraints                     ? 
_refine.occupancy_min                            ? 
_refine.occupancy_max                            ? 
_refine.correlation_coeff_Fo_to_Fc               0.813 
_refine.correlation_coeff_Fo_to_Fc_free          0.686 
_refine.B_iso_mean                               39.295 
_refine.aniso_B[1][1]                            -0.73 
_refine.aniso_B[2][2]                            -0.73 
_refine.aniso_B[3][3]                            1.09 
_refine.aniso_B[1][2]                            -0.36 
_refine.aniso_B[1][3]                            0.00 
_refine.aniso_B[2][3]                            0.00 
_refine.solvent_model_details                    MASK 
_refine.solvent_model_param_ksol                 ? 
_refine.solvent_model_param_bsol                 ? 
_refine.pdbx_solvent_vdw_probe_radii             1.40 
_refine.pdbx_solvent_ion_probe_radii             0.80 
_refine.pdbx_solvent_shrinkage_radii             0.80 
_refine.pdbx_ls_cross_valid_method               THROUGHOUT 
_refine.details                                  'HYDROGENS HAVE BEEN ADDED IN THE RIDING POSITIONS' 
_refine.pdbx_starting_model                      'PDB entry 1K8P' 
_refine.pdbx_method_to_determine_struct          'MOLECULAR REPLACEMENT' 
_refine.pdbx_isotropic_thermal_model             Overall 
_refine.pdbx_stereochemistry_target_values       'MAXIMUM LIKELIHOOD' 
_refine.pdbx_stereochem_target_val_spec_case     ? 
_refine.pdbx_R_Free_selection_details            RANDOM 
_refine.pdbx_overall_ESU_R_Free                  0.739 
_refine.overall_SU_ML                            0.515 
_refine.overall_SU_B                             52.628 
_refine.overall_SU_R_Cruickshank_DPI             ? 
_refine.ls_redundancy_reflns_obs                 ? 
_refine.B_iso_min                                ? 
_refine.B_iso_max                                ? 
_refine.overall_SU_R_free                        ? 
_refine.ls_wR_factor_R_free                      ? 
_refine.ls_wR_factor_R_work                      ? 
_refine.overall_FOM_free_R_set                   ? 
_refine.overall_FOM_work_R_set                   ? 
_refine.pdbx_overall_phase_error                 ? 
_refine.pdbx_refine_id                           'X-RAY DIFFRACTION' 
_refine.ls_R_factor_all                          ? 
_refine.pdbx_overall_ESU_R                       ? 
_refine.pdbx_diffrn_id                           1 
_refine.pdbx_TLS_residual_ADP_flag               ? 
_refine.pdbx_overall_SU_R_free_Cruickshank_DPI   ? 
_refine.pdbx_overall_SU_R_Blow_DPI               ? 
_refine.pdbx_overall_SU_R_free_Blow_DPI          ? 
# 
_refine_hist.pdbx_refine_id                   'X-RAY DIFFRACTION' 
_refine_hist.cycle_id                         LAST 
_refine_hist.pdbx_number_atoms_protein        0 
_refine_hist.pdbx_number_atoms_nucleic_acid   222 
_refine_hist.pdbx_number_atoms_ligand         58 
_refine_hist.number_atoms_solvent             0 
_refine_hist.number_atoms_total               280 
_refine_hist.d_res_high                       3.20 
_refine_hist.d_res_low                        9.96 
# 
loop_
_refine_ls_restr.type 
_refine_ls_restr.dev_ideal 
_refine_ls_restr.dev_ideal_target 
_refine_ls_restr.weight 
_refine_ls_restr.number 
_refine_ls_restr.pdbx_refine_id 
_refine_ls_restr.pdbx_restraint_function 
r_bond_refined_d     0.006 0.021 ? 312 'X-RAY DIFFRACTION' ? 
r_angle_refined_deg  0.990 2.993 ? 472 'X-RAY DIFFRACTION' ? 
r_chiral_restr       0.054 0.200 ? 42  'X-RAY DIFFRACTION' ? 
r_gen_planes_refined 0.006 0.021 ? 170 'X-RAY DIFFRACTION' ? 
# 
_refine_ls_shell.pdbx_total_number_of_bins_used   20 
_refine_ls_shell.d_res_high                       3.20 
_refine_ls_shell.d_res_low                        3.278 
_refine_ls_shell.number_reflns_R_work             59 
_refine_ls_shell.R_factor_R_work                  0.265 
_refine_ls_shell.percent_reflns_obs               100.00 
_refine_ls_shell.R_factor_R_free                  0.396 
_refine_ls_shell.R_factor_R_free_error            ? 
_refine_ls_shell.percent_reflns_R_free            ? 
_refine_ls_shell.number_reflns_R_free             1 
_refine_ls_shell.number_reflns_all                ? 
_refine_ls_shell.R_factor_all                     ? 
_refine_ls_shell.number_reflns_obs                ? 
_refine_ls_shell.redundancy_reflns_obs            ? 
_refine_ls_shell.pdbx_refine_id                   'X-RAY DIFFRACTION' 
# 
_struct.entry_id                  3QCR 
_struct.title                     'Incomplete structural model of a human telomeric DNA quadruplex-acridine complex.' 
_struct.pdbx_model_details        ? 
_struct.pdbx_CASP_flag            ? 
_struct.pdbx_model_type_details   ? 
# 
_struct_keywords.entry_id        3QCR 
_struct_keywords.pdbx_keywords   DNA 
_struct_keywords.text            'quadruplex, acridine ligand-complex, telomere, DNA' 
# 
loop_
_struct_asym.id 
_struct_asym.pdbx_blank_PDB_chainid_flag 
_struct_asym.pdbx_modified 
_struct_asym.entity_id 
_struct_asym.details 
A N N 1 ? 
B N N 2 ? 
C N N 2 ? 
D N N 3 ? 
# 
_struct_biol.id        1 
_struct_biol.details   ? 
# 
loop_
_struct_conn.id 
_struct_conn.conn_type_id 
_struct_conn.pdbx_leaving_atom_flag 
_struct_conn.pdbx_PDB_id 
_struct_conn.ptnr1_label_asym_id 
_struct_conn.ptnr1_label_comp_id 
_struct_conn.ptnr1_label_seq_id 
_struct_conn.ptnr1_label_atom_id 
_struct_conn.pdbx_ptnr1_label_alt_id 
_struct_conn.pdbx_ptnr1_PDB_ins_code 
_struct_conn.pdbx_ptnr1_standard_comp_id 
_struct_conn.ptnr1_symmetry 
_struct_conn.ptnr2_label_asym_id 
_struct_conn.ptnr2_label_comp_id 
_struct_conn.ptnr2_label_seq_id 
_struct_conn.ptnr2_label_atom_id 
_struct_conn.pdbx_ptnr2_label_alt_id 
_struct_conn.pdbx_ptnr2_PDB_ins_code 
_struct_conn.ptnr1_auth_asym_id 
_struct_conn.ptnr1_auth_comp_id 
_struct_conn.ptnr1_auth_seq_id 
_struct_conn.ptnr2_auth_asym_id 
_struct_conn.ptnr2_auth_comp_id 
_struct_conn.ptnr2_auth_seq_id 
_struct_conn.ptnr2_symmetry 
_struct_conn.pdbx_ptnr3_label_atom_id 
_struct_conn.pdbx_ptnr3_label_seq_id 
_struct_conn.pdbx_ptnr3_label_comp_id 
_struct_conn.pdbx_ptnr3_label_asym_id 
_struct_conn.pdbx_ptnr3_label_alt_id 
_struct_conn.pdbx_ptnr3_PDB_ins_code 
_struct_conn.details 
_struct_conn.pdbx_dist_value 
_struct_conn.pdbx_value_order 
_struct_conn.pdbx_role 
metalc1 metalc ? ? A DG 3 O6 ? ? ? 1_555 C K  .  K  ? ? A DG 3 A K  14 1_555 ? ? ? ? ? ? ?           2.450 ? ? 
metalc2 metalc ? ? A DG 4 O6 ? ? ? 1_555 B K  .  K  ? ? A DG 4 A K  13 1_555 ? ? ? ? ? ? ?           2.475 ? ? 
metalc3 metalc ? ? A DG 4 O6 ? ? ? 1_555 C K  .  K  ? ? A DG 4 A K  14 1_555 ? ? ? ? ? ? ?           3.280 ? ? 
metalc4 metalc ? ? A DG 5 O6 ? ? ? 1_555 B K  .  K  ? ? A DG 5 A K  13 1_555 ? ? ? ? ? ? ?           3.286 ? ? 
metalc5 metalc ? ? A DG 9 O6 ? ? ? 1_555 C K  .  K  ? ? A DG 9 A K  14 1_555 ? ? ? ? ? ? ?           2.926 ? ? 
hydrog1 hydrog ? ? A DG 3 N1 ? ? ? 1_555 A DG 9  O6 ? ? A DG 3 A DG 9  1_555 ? ? ? ? ? ? TYPE_6_PAIR ?     ? ? 
hydrog2 hydrog ? ? A DG 3 N2 ? ? ? 1_555 A DG 9  N7 ? ? A DG 3 A DG 9  1_555 ? ? ? ? ? ? TYPE_6_PAIR ?     ? ? 
hydrog3 hydrog ? ? A DG 4 N1 ? ? ? 1_555 A DG 10 O6 ? ? A DG 4 A DG 10 1_555 ? ? ? ? ? ? TYPE_6_PAIR ?     ? ? 
hydrog4 hydrog ? ? A DG 4 N2 ? ? ? 1_555 A DG 10 N7 ? ? A DG 4 A DG 10 1_555 ? ? ? ? ? ? TYPE_6_PAIR ?     ? ? 
hydrog5 hydrog ? ? A DG 5 N1 ? ? ? 1_555 A DG 11 O6 ? ? A DG 5 A DG 11 1_555 ? ? ? ? ? ? TYPE_6_PAIR ?     ? ? 
hydrog6 hydrog ? ? A DG 5 N2 ? ? ? 1_555 A DG 11 N7 ? ? A DG 5 A DG 11 1_555 ? ? ? ? ? ? TYPE_6_PAIR ?     ? ? 
# 
loop_
_struct_conn_type.id 
_struct_conn_type.criteria 
_struct_conn_type.reference 
metalc ? ? 
hydrog ? ? 
# 
loop_
_struct_site.id 
_struct_site.pdbx_evidence_code 
_struct_site.pdbx_auth_asym_id 
_struct_site.pdbx_auth_comp_id 
_struct_site.pdbx_auth_seq_id 
_struct_site.pdbx_auth_ins_code 
_struct_site.pdbx_num_residues 
_struct_site.details 
AC1 Software A K   13 ? 9  'BINDING SITE FOR RESIDUE K A 13'   
AC2 Software A K   14 ? 10 'BINDING SITE FOR RESIDUE K A 14'   
AC3 Software A R14 15 ? 5  'BINDING SITE FOR RESIDUE R14 A 15' 
# 
loop_
_struct_site_gen.id 
_struct_site_gen.site_id 
_struct_site_gen.pdbx_num_res 
_struct_site_gen.label_comp_id 
_struct_site_gen.label_asym_id 
_struct_site_gen.label_seq_id 
_struct_site_gen.pdbx_auth_ins_code 
_struct_site_gen.auth_comp_id 
_struct_site_gen.auth_asym_id 
_struct_site_gen.auth_seq_id 
_struct_site_gen.label_atom_id 
_struct_site_gen.label_alt_id 
_struct_site_gen.symmetry 
_struct_site_gen.details 
1  AC1 9  DG A 4  ? DG A 4  . ? 1_555  ? 
2  AC1 9  DG A 4  ? DG A 4  . ? 7_555  ? 
3  AC1 9  DG A 5  ? DG A 5  . ? 7_555  ? 
4  AC1 9  DG A 5  ? DG A 5  . ? 1_555  ? 
5  AC1 9  DG A 10 ? DG A 10 . ? 1_555  ? 
6  AC1 9  DG A 10 ? DG A 10 . ? 7_555  ? 
7  AC1 9  DG A 11 ? DG A 11 . ? 7_555  ? 
8  AC1 9  K  C .  ? K  A 14 . ? 7_555  ? 
9  AC1 9  K  C .  ? K  A 14 . ? 1_555  ? 
10 AC2 10 DG A 3  ? DG A 3  . ? 7_555  ? 
11 AC2 10 DG A 3  ? DG A 3  . ? 1_555  ? 
12 AC2 10 DG A 4  ? DG A 4  . ? 1_555  ? 
13 AC2 10 DG A 4  ? DG A 4  . ? 7_555  ? 
14 AC2 10 DG A 9  ? DG A 9  . ? 7_555  ? 
15 AC2 10 DG A 9  ? DG A 9  . ? 1_555  ? 
16 AC2 10 DG A 10 ? DG A 10 . ? 7_555  ? 
17 AC2 10 DG A 10 ? DG A 10 . ? 1_555  ? 
18 AC2 10 K  B .  ? K  A 13 . ? 7_555  ? 
19 AC2 10 K  B .  ? K  A 13 . ? 1_555  ? 
20 AC3 5  DG A 4  ? DG A 4  . ? 1_555  ? 
21 AC3 5  DG A 5  ? DG A 5  . ? 1_555  ? 
22 AC3 5  DG A 5  ? DG A 5  . ? 7_555  ? 
23 AC3 5  DT A 6  ? DT A 6  . ? 7_555  ? 
24 AC3 5  DG A 11 ? DG A 11 . ? 10_665 ? 
# 
_atom_sites.entry_id                    3QCR 
_atom_sites.fract_transf_matrix[1][1]   0.00099101 
_atom_sites.fract_transf_matrix[1][2]   0.01569162 
_atom_sites.fract_transf_matrix[1][3]   -0.00351174 
_atom_sites.fract_transf_matrix[2][1]   0.01389325 
_atom_sites.fract_transf_matrix[2][2]   0.00620900 
_atom_sites.fract_transf_matrix[2][3]   -0.00528754 
_atom_sites.fract_transf_matrix[3][1]   -0.00926548 
_atom_sites.fract_transf_matrix[3][2]   -0.00659694 
_atom_sites.fract_transf_matrix[3][3]   -0.03209202 
_atom_sites.fract_transf_vector[1]      0.585053 
_atom_sites.fract_transf_vector[2]      0.642535 
_atom_sites.fract_transf_vector[3]      0.431546 
# 
loop_
_atom_type.symbol 
C 
K 
N 
O 
P 
# 
loop_
_atom_site.group_PDB 
_atom_site.id 
_atom_site.type_symbol 
_atom_site.label_atom_id 
_atom_site.label_alt_id 
_atom_site.label_comp_id 
_atom_site.label_asym_id 
_atom_site.label_entity_id 
_atom_site.label_seq_id 
_atom_site.pdbx_PDB_ins_code 
_atom_site.Cartn_x 
_atom_site.Cartn_y 
_atom_site.Cartn_z 
_atom_site.occupancy 
_atom_site.B_iso_or_equiv 
_atom_site.pdbx_formal_charge 
_atom_site.auth_seq_id 
_atom_site.auth_comp_id 
_atom_site.auth_asym_id 
_atom_site.auth_atom_id 
_atom_site.pdbx_PDB_model_num 
ATOM   1   O "O5'" . DT  A 1 1  ? -1.769  16.942  -7.455 1.00 20.00 ? 1  DT  A "O5'" 1 
ATOM   2   C "C5'" . DT  A 1 1  ? -1.211  16.220  -6.356 1.00 20.00 ? 1  DT  A "C5'" 1 
ATOM   3   C "C4'" . DT  A 1 1  ? -1.850  14.849  -6.234 1.00 20.00 ? 1  DT  A "C4'" 1 
ATOM   4   O "O4'" . DT  A 1 1  ? -0.933  13.930  -5.583 1.00 20.00 ? 1  DT  A "O4'" 1 
ATOM   5   C "C3'" . DT  A 1 1  ? -3.157  14.803  -5.439 1.00 20.00 ? 1  DT  A "C3'" 1 
ATOM   6   O "O3'" . DT  A 1 1  ? -4.249  14.316  -6.265 1.00 20.00 ? 1  DT  A "O3'" 1 
ATOM   7   C "C2'" . DT  A 1 1  ? -2.846  13.912  -4.229 1.00 20.00 ? 1  DT  A "C2'" 1 
ATOM   8   C "C1'" . DT  A 1 1  ? -1.669  13.078  -4.734 1.00 20.00 ? 1  DT  A "C1'" 1 
ATOM   9   N N1    . DT  A 1 1  ? -0.744  12.520  -3.679 1.00 20.00 ? 1  DT  A N1    1 
ATOM   10  C C2    . DT  A 1 1  ? 0.187   11.581  -4.057 1.00 20.00 ? 1  DT  A C2    1 
ATOM   11  O O2    . DT  A 1 1  ? 0.287   11.168  -5.196 1.00 20.00 ? 1  DT  A O2    1 
ATOM   12  N N3    . DT  A 1 1  ? 0.997   11.123  -3.048 1.00 20.00 ? 1  DT  A N3    1 
ATOM   13  C C4    . DT  A 1 1  ? 0.977   11.505  -1.720 1.00 20.00 ? 1  DT  A C4    1 
ATOM   14  O O4    . DT  A 1 1  ? 1.760   11.024  -0.896 1.00 20.00 ? 1  DT  A O4    1 
ATOM   15  C C5    . DT  A 1 1  ? -0.023  12.507  -1.385 1.00 20.00 ? 1  DT  A C5    1 
ATOM   16  C C7    . DT  A 1 1  ? -0.152  13.020  0.022  1.00 20.00 ? 1  DT  A C7    1 
ATOM   17  C C6    . DT  A 1 1  ? -0.823  12.957  -2.367 1.00 20.00 ? 1  DT  A C6    1 
ATOM   18  P P     . DA  A 1 2  ? -4.404  12.775  -6.726 1.00 20.00 ? 2  DA  A P     1 
ATOM   19  O OP1   . DA  A 1 2  ? -3.098  12.282  -7.228 1.00 20.00 ? 2  DA  A OP1   1 
ATOM   20  O OP2   . DA  A 1 2  ? -5.595  12.697  -7.604 1.00 20.00 ? 2  DA  A OP2   1 
ATOM   21  O "O5'" . DA  A 1 2  ? -4.743  12.014  -5.356 1.00 20.00 ? 2  DA  A "O5'" 1 
ATOM   22  C "C5'" . DA  A 1 2  ? -5.110  10.646  -5.370 1.00 20.00 ? 2  DA  A "C5'" 1 
ATOM   23  C "C4'" . DA  A 1 2  ? -3.917  9.798   -5.768 1.00 20.00 ? 2  DA  A "C4'" 1 
ATOM   24  O "O4'" . DA  A 1 2  ? -2.732  10.245  -5.070 1.00 20.00 ? 2  DA  A "O4'" 1 
ATOM   25  C "C3'" . DA  A 1 2  ? -4.047  8.313   -5.503 1.00 20.00 ? 2  DA  A "C3'" 1 
ATOM   26  O "O3'" . DA  A 1 2  ? -3.664  7.622   -6.669 1.00 20.00 ? 2  DA  A "O3'" 1 
ATOM   27  C "C2'" . DA  A 1 2  ? -3.110  8.013   -4.328 1.00 20.00 ? 2  DA  A "C2'" 1 
ATOM   28  C "C1'" . DA  A 1 2  ? -2.361  9.317   -4.070 1.00 20.00 ? 2  DA  A "C1'" 1 
ATOM   29  N N9    . DA  A 1 2  ? -2.614  9.903   -2.746 1.00 20.00 ? 2  DA  A N9    1 
ATOM   30  C C8    . DA  A 1 2  ? -3.548  10.853  -2.409 1.00 20.00 ? 2  DA  A C8    1 
ATOM   31  N N7    . DA  A 1 2  ? -3.541  11.184  -1.139 1.00 20.00 ? 2  DA  A N7    1 
ATOM   32  C C5    . DA  A 1 2  ? -2.535  10.397  -0.596 1.00 20.00 ? 2  DA  A C5    1 
ATOM   33  C C6    . DA  A 1 2  ? -2.027  10.265  0.718  1.00 20.00 ? 2  DA  A C6    1 
ATOM   34  N N6    . DA  A 1 2  ? -2.481  10.959  1.769  1.00 20.00 ? 2  DA  A N6    1 
ATOM   35  N N1    . DA  A 1 2  ? -1.019  9.387   0.907  1.00 20.00 ? 2  DA  A N1    1 
ATOM   36  C C2    . DA  A 1 2  ? -0.554  8.687   -0.145 1.00 20.00 ? 2  DA  A C2    1 
ATOM   37  N N3    . DA  A 1 2  ? -0.953  8.718   -1.416 1.00 20.00 ? 2  DA  A N3    1 
ATOM   38  C C4    . DA  A 1 2  ? -1.952  9.602   -1.577 1.00 20.00 ? 2  DA  A C4    1 
ATOM   39  P P     . DG  A 1 3  ? -4.754  6.765   -7.457 1.00 20.00 ? 3  DG  A P     1 
ATOM   40  O OP1   . DG  A 1 3  ? -4.735  7.168   -8.882 1.00 20.00 ? 3  DG  A OP1   1 
ATOM   41  O OP2   . DG  A 1 3  ? -6.026  6.841   -6.692 1.00 20.00 ? 3  DG  A OP2   1 
ATOM   42  O "O5'" . DG  A 1 3  ? -4.150  5.289   -7.356 1.00 20.00 ? 3  DG  A "O5'" 1 
ATOM   43  C "C5'" . DG  A 1 3  ? -3.234  4.835   -8.336 1.00 20.00 ? 3  DG  A "C5'" 1 
ATOM   44  C "C4'" . DG  A 1 3  ? -2.270  3.834   -7.733 1.00 20.00 ? 3  DG  A "C4'" 1 
ATOM   45  O "O4'" . DG  A 1 3  ? -1.871  4.311   -6.423 1.00 20.00 ? 3  DG  A "O4'" 1 
ATOM   46  C "C3'" . DG  A 1 3  ? -2.841  2.420   -7.528 1.00 20.00 ? 3  DG  A "C3'" 1 
ATOM   47  O "O3'" . DG  A 1 3  ? -1.912  1.422   -7.973 1.00 20.00 ? 3  DG  A "O3'" 1 
ATOM   48  C "C2'" . DG  A 1 3  ? -3.054  2.345   -6.018 1.00 20.00 ? 3  DG  A "C2'" 1 
ATOM   49  C "C1'" . DG  A 1 3  ? -1.905  3.216   -5.536 1.00 20.00 ? 3  DG  A "C1'" 1 
ATOM   50  N N9    . DG  A 1 3  ? -2.078  3.733   -4.193 1.00 20.00 ? 3  DG  A N9    1 
ATOM   51  C C8    . DG  A 1 3  ? -3.127  4.484   -3.733 1.00 20.00 ? 3  DG  A C8    1 
ATOM   52  N N7    . DG  A 1 3  ? -3.008  4.813   -2.483 1.00 20.00 ? 3  DG  A N7    1 
ATOM   53  C C5    . DG  A 1 3  ? -1.804  4.245   -2.098 1.00 20.00 ? 3  DG  A C5    1 
ATOM   54  C C6    . DG  A 1 3  ? -1.154  4.273   -0.853 1.00 20.00 ? 3  DG  A C6    1 
ATOM   55  O O6    . DG  A 1 3  ? -1.538  4.814   0.187  1.00 20.00 ? 3  DG  A O6    1 
ATOM   56  N N1    . DG  A 1 3  ? 0.042   3.561   -0.862 1.00 20.00 ? 3  DG  A N1    1 
ATOM   57  C C2    . DG  A 1 3  ? 0.555   2.917   -1.961 1.00 20.00 ? 3  DG  A C2    1 
ATOM   58  N N2    . DG  A 1 3  ? 1.731   2.290   -1.791 1.00 20.00 ? 3  DG  A N2    1 
ATOM   59  N N3    . DG  A 1 3  ? -0.048  2.884   -3.146 1.00 20.00 ? 3  DG  A N3    1 
ATOM   60  C C4    . DG  A 1 3  ? -1.218  3.573   -3.137 1.00 20.00 ? 3  DG  A C4    1 
ATOM   61  P P     . DG  A 1 4  ? -2.399  -0.090  -8.192 1.00 20.00 ? 4  DG  A P     1 
ATOM   62  O OP1   . DG  A 1 4  ? -1.910  -0.556  -9.510 1.00 20.00 ? 4  DG  A OP1   1 
ATOM   63  O OP2   . DG  A 1 4  ? -3.847  -0.158  -7.883 1.00 20.00 ? 4  DG  A OP2   1 
ATOM   64  O "O5'" . DG  A 1 4  ? -1.613  -0.890  -7.059 1.00 20.00 ? 4  DG  A "O5'" 1 
ATOM   65  C "C5'" . DG  A 1 4  ? -0.215  -0.711  -6.920 1.00 20.00 ? 4  DG  A "C5'" 1 
ATOM   66  C "C4'" . DG  A 1 4  ? 0.380   -1.707  -5.937 1.00 20.00 ? 4  DG  A "C4'" 1 
ATOM   67  O "O4'" . DG  A 1 4  ? 0.531   -1.106  -4.624 1.00 20.00 ? 4  DG  A "O4'" 1 
ATOM   68  C "C3'" . DG  A 1 4  ? -0.409  -2.987  -5.706 1.00 20.00 ? 4  DG  A "C3'" 1 
ATOM   69  O "O3'" . DG  A 1 4  ? 0.523   -4.000  -5.413 1.00 20.00 ? 4  DG  A "O3'" 1 
ATOM   70  C "C2'" . DG  A 1 4  ? -1.239  -2.633  -4.483 1.00 20.00 ? 4  DG  A "C2'" 1 
ATOM   71  C "C1'" . DG  A 1 4  ? -0.236  -1.821  -3.682 1.00 20.00 ? 4  DG  A "C1'" 1 
ATOM   72  N N9    . DG  A 1 4  ? -0.882  -0.853  -2.816 1.00 20.00 ? 4  DG  A N9    1 
ATOM   73  C C8    . DG  A 1 4  ? -2.005  -0.115  -3.112 1.00 20.00 ? 4  DG  A C8    1 
ATOM   74  N N7    . DG  A 1 4  ? -2.374  0.676   -2.150 1.00 20.00 ? 4  DG  A N7    1 
ATOM   75  C C5    . DG  A 1 4  ? -1.435  0.449   -1.155 1.00 20.00 ? 4  DG  A C5    1 
ATOM   76  C C6    . DG  A 1 4  ? -1.328  1.027   0.119  1.00 20.00 ? 4  DG  A C6    1 
ATOM   77  O O6    . DG  A 1 4  ? -2.069  1.875   0.630  1.00 20.00 ? 4  DG  A O6    1 
ATOM   78  N N1    . DG  A 1 4  ? -0.237  0.536   0.835  1.00 20.00 ? 4  DG  A N1    1 
ATOM   79  C C2    . DG  A 1 4  ? 0.642   -0.409  0.365  1.00 20.00 ? 4  DG  A C2    1 
ATOM   80  N N2    . DG  A 1 4  ? 1.630   -0.765  1.201  1.00 20.00 ? 4  DG  A N2    1 
ATOM   81  N N3    . DG  A 1 4  ? 0.556   -0.965  -0.841 1.00 20.00 ? 4  DG  A N3    1 
ATOM   82  C C4    . DG  A 1 4  ? -0.507  -0.488  -1.544 1.00 20.00 ? 4  DG  A C4    1 
ATOM   83  P P     . DG  A 1 5  ? 0.082   -5.459  -4.958 1.00 20.00 ? 5  DG  A P     1 
ATOM   84  O OP1   . DG  A 1 5  ? 0.290   -6.358  -6.116 1.00 20.00 ? 5  DG  A OP1   1 
ATOM   85  O OP2   . DG  A 1 5  ? -1.241  -5.406  -4.297 1.00 20.00 ? 5  DG  A OP2   1 
ATOM   86  O "O5'" . DG  A 1 5  ? 1.182   -5.772  -3.851 1.00 20.00 ? 5  DG  A "O5'" 1 
ATOM   87  C "C5'" . DG  A 1 5  ? 1.016   -6.880  -2.993 1.00 20.00 ? 5  DG  A "C5'" 1 
ATOM   88  C "C4'" . DG  A 1 5  ? 1.395   -6.513  -1.572 1.00 20.00 ? 5  DG  A "C4'" 1 
ATOM   89  O "O4'" . DG  A 1 5  ? 0.871   -5.206  -1.232 1.00 20.00 ? 5  DG  A "O4'" 1 
ATOM   90  C "C3'" . DG  A 1 5  ? 0.852   -7.468  -0.520 1.00 20.00 ? 5  DG  A "C3'" 1 
ATOM   91  O "O3'" . DG  A 1 5  ? 1.915   -8.221  0.031  1.00 20.00 ? 5  DG  A "O3'" 1 
ATOM   92  C "C2'" . DG  A 1 5  ? 0.217   -6.562  0.537  1.00 20.00 ? 5  DG  A "C2'" 1 
ATOM   93  C "C1'" . DG  A 1 5  ? 0.701   -5.168  0.162  1.00 20.00 ? 5  DG  A "C1'" 1 
ATOM   94  N N9    . DG  A 1 5  ? -0.267  -4.131  0.520  1.00 20.00 ? 5  DG  A N9    1 
ATOM   95  C C8    . DG  A 1 5  ? -1.308  -3.674  -0.252 1.00 20.00 ? 5  DG  A C8    1 
ATOM   96  N N7    . DG  A 1 5  ? -2.023  -2.758  0.332  1.00 20.00 ? 5  DG  A N7    1 
ATOM   97  C C5    . DG  A 1 5  ? -1.429  -2.604  1.580  1.00 20.00 ? 5  DG  A C5    1 
ATOM   98  C C6    . DG  A 1 5  ? -1.777  -1.745  2.660  1.00 20.00 ? 5  DG  A C6    1 
ATOM   99  O O6    . DG  A 1 5  ? -2.713  -0.925  2.732  1.00 20.00 ? 5  DG  A O6    1 
ATOM   100 N N1    . DG  A 1 5  ? -0.916  -1.902  3.745  1.00 20.00 ? 5  DG  A N1    1 
ATOM   101 C C2    . DG  A 1 5  ? 0.147   -2.775  3.779  1.00 20.00 ? 5  DG  A C2    1 
ATOM   102 N N2    . DG  A 1 5  ? 0.861   -2.784  4.922  1.00 20.00 ? 5  DG  A N2    1 
ATOM   103 N N3    . DG  A 1 5  ? 0.487   -3.584  2.772  1.00 20.00 ? 5  DG  A N3    1 
ATOM   104 C C4    . DG  A 1 5  ? -0.344  -3.445  1.711  1.00 20.00 ? 5  DG  A C4    1 
ATOM   105 P P     . DT  A 1 6  ? 2.476   -9.520  -0.710 1.00 20.00 ? 6  DT  A P     1 
ATOM   106 O OP1   . DT  A 1 6  ? 1.543   -9.863  -1.810 1.00 20.00 ? 6  DT  A OP1   1 
ATOM   107 O OP2   . DT  A 1 6  ? 2.804   -10.526 0.331  1.00 20.00 ? 6  DT  A OP2   1 
ATOM   108 O "O5'" . DT  A 1 6  ? 3.843   -8.980  -1.343 1.00 20.00 ? 6  DT  A "O5'" 1 
ATOM   109 C "C5'" . DT  A 1 6  ? 4.781   -9.886  -1.885 1.00 20.00 ? 6  DT  A "C5'" 1 
ATOM   110 C "C4'" . DT  A 1 6  ? 4.739   -9.869  -3.402 1.00 20.00 ? 6  DT  A "C4'" 1 
ATOM   111 O "O4'" . DT  A 1 6  ? 3.818   -8.856  -3.868 1.00 20.00 ? 6  DT  A "O4'" 1 
ATOM   112 C "C3'" . DT  A 1 6  ? 6.061   -9.519  -4.069 1.00 20.00 ? 6  DT  A "C3'" 1 
ATOM   113 O "O3'" . DT  A 1 6  ? 6.822   -10.700 -4.301 1.00 20.00 ? 6  DT  A "O3'" 1 
ATOM   114 C "C2'" . DT  A 1 6  ? 5.631   -8.912  -5.403 1.00 20.00 ? 6  DT  A "C2'" 1 
ATOM   115 C "C1'" . DT  A 1 6  ? 4.173   -8.508  -5.195 1.00 20.00 ? 6  DT  A "C1'" 1 
ATOM   116 N N1    . DT  A 1 6  ? 3.947   -7.039  -5.442 0.50 20.00 ? 6  DT  A N1    1 
ATOM   117 C C2    . DT  A 1 6  ? 3.502   -6.626  -6.682 0.50 20.00 ? 6  DT  A C2    1 
ATOM   118 O O2    . DT  A 1 6  ? 3.251   -7.388  -7.597 0.50 20.00 ? 6  DT  A O2    1 
ATOM   119 N N3    . DT  A 1 6  ? 3.344   -5.272  -6.813 0.50 20.00 ? 6  DT  A N3    1 
ATOM   120 C C4    . DT  A 1 6  ? 3.592   -4.306  -5.856 0.50 20.00 ? 6  DT  A C4    1 
ATOM   121 O O4    . DT  A 1 6  ? 3.424   -3.109  -6.073 0.50 20.00 ? 6  DT  A O4    1 
ATOM   122 C C5    . DT  A 1 6  ? 4.068   -4.799  -4.587 0.50 20.00 ? 6  DT  A C5    1 
ATOM   123 C C7    . DT  A 1 6  ? 4.373   -3.841  -3.473 0.50 20.00 ? 6  DT  A C7    1 
ATOM   124 C C6    . DT  A 1 6  ? 4.231   -6.123  -4.446 0.50 20.00 ? 6  DT  A C6    1 
ATOM   125 P P     . DT  A 1 7  ? 7.828   -11.281 -3.199 1.00 20.00 ? 7  DT  A P     1 
ATOM   126 O OP1   . DT  A 1 7  ? 7.714   -12.756 -3.265 1.00 20.00 ? 7  DT  A OP1   1 
ATOM   127 O OP2   . DT  A 1 7  ? 7.585   -10.583 -1.910 1.00 20.00 ? 7  DT  A OP2   1 
ATOM   128 O "O5'" . DT  A 1 7  ? 9.270   -10.846 -3.767 1.00 20.00 ? 7  DT  A "O5'" 1 
ATOM   129 C "C5'" . DT  A 1 7  ? 10.377  -10.687 -2.875 1.00 20.00 ? 7  DT  A "C5'" 1 
ATOM   130 C "C4'" . DT  A 1 7  ? 10.964  -9.280  -2.930 1.00 20.00 ? 7  DT  A "C4'" 1 
ATOM   131 O "O4'" . DT  A 1 7  ? 11.704  -9.101  -4.172 1.00 20.00 ? 7  DT  A "O4'" 1 
ATOM   132 C "C3'" . DT  A 1 7  ? 9.967   -8.115  -2.847 1.00 20.00 ? 7  DT  A "C3'" 1 
ATOM   133 O "O3'" . DT  A 1 7  ? 10.506  -7.082  -2.008 1.00 20.00 ? 7  DT  A "O3'" 1 
ATOM   134 C "C2'" . DT  A 1 7  ? 9.850   -7.659  -4.299 1.00 20.00 ? 7  DT  A "C2'" 1 
ATOM   135 C "C1'" . DT  A 1 7  ? 11.262  -7.921  -4.819 1.00 20.00 ? 7  DT  A "C1'" 1 
ATOM   136 P P     . DA  A 1 8  ? 9.694   -5.729  -1.666 1.00 20.00 ? 8  DA  A P     1 
ATOM   137 O OP1   . DA  A 1 8  ? 10.170  -5.274  -0.332 1.00 20.00 ? 8  DA  A OP1   1 
ATOM   138 O OP2   . DA  A 1 8  ? 8.237   -5.944  -1.884 1.00 20.00 ? 8  DA  A OP2   1 
ATOM   139 O "O5'" . DA  A 1 8  ? 10.222  -4.710  -2.791 1.00 20.00 ? 8  DA  A "O5'" 1 
ATOM   140 C "C5'" . DA  A 1 8  ? 11.095  -3.633  -2.442 1.00 20.00 ? 8  DA  A "C5'" 1 
ATOM   141 C "C4'" . DA  A 1 8  ? 10.428  -2.300  -2.719 1.00 20.00 ? 8  DA  A "C4'" 1 
ATOM   142 O "O4'" . DA  A 1 8  ? 10.101  -2.219  -4.129 1.00 20.00 ? 8  DA  A "O4'" 1 
ATOM   143 C "C3'" . DA  A 1 8  ? 9.126   -2.068  -1.948 1.00 20.00 ? 8  DA  A "C3'" 1 
ATOM   144 O "O3'" . DA  A 1 8  ? 9.256   -0.956  -1.031 1.00 20.00 ? 8  DA  A "O3'" 1 
ATOM   145 C "C2'" . DA  A 1 8  ? 8.056   -1.843  -3.022 1.00 20.00 ? 8  DA  A "C2'" 1 
ATOM   146 C "C1'" . DA  A 1 8  ? 8.854   -1.579  -4.294 1.00 20.00 ? 8  DA  A "C1'" 1 
ATOM   147 N N9    . DA  A 1 8  ? 8.192   -2.108  -5.488 1.00 20.00 ? 8  DA  A N9    1 
ATOM   148 C C8    . DA  A 1 8  ? 7.466   -1.402  -6.406 1.00 20.00 ? 8  DA  A C8    1 
ATOM   149 N N7    . DA  A 1 8  ? 6.963   -2.136  -7.370 1.00 20.00 ? 8  DA  A N7    1 
ATOM   150 C C5    . DA  A 1 8  ? 7.387   -3.415  -7.063 1.00 20.00 ? 8  DA  A C5    1 
ATOM   151 C C6    . DA  A 1 8  ? 7.189   -4.658  -7.700 1.00 20.00 ? 8  DA  A C6    1 
ATOM   152 N N6    . DA  A 1 8  ? 6.491   -4.810  -8.831 1.00 20.00 ? 8  DA  A N6    1 
ATOM   153 N N1    . DA  A 1 8  ? 7.756   -5.745  -7.130 1.00 20.00 ? 8  DA  A N1    1 
ATOM   154 C C2    . DA  A 1 8  ? 8.456   -5.597  -5.997 1.00 20.00 ? 8  DA  A C2    1 
ATOM   155 N N3    . DA  A 1 8  ? 8.706   -4.487  -5.308 1.00 20.00 ? 8  DA  A N3    1 
ATOM   156 C C4    . DA  A 1 8  ? 8.139   -3.420  -5.901 1.00 20.00 ? 8  DA  A C4    1 
ATOM   157 P P     . DG  A 1 9  ? 8.412   0.406   -1.216 1.00 20.00 ? 9  DG  A P     1 
ATOM   158 O OP1   . DG  A 1 9  ? 7.010   0.152   -0.799 1.00 20.00 ? 9  DG  A OP1   1 
ATOM   159 O OP2   . DG  A 1 9  ? 8.707   0.952   -2.568 1.00 20.00 ? 9  DG  A OP2   1 
ATOM   160 O "O5'" . DG  A 1 9  ? 9.095   1.385   -0.144 1.00 20.00 ? 9  DG  A "O5'" 1 
ATOM   161 C "C5'" . DG  A 1 9  ? 9.864   0.841   0.928  1.00 20.00 ? 9  DG  A "C5'" 1 
ATOM   162 C "C4'" . DG  A 1 9  ? 9.012   0.593   2.166  1.00 20.00 ? 9  DG  A "C4'" 1 
ATOM   163 O "O4'" . DG  A 1 9  ? 7.843   1.449   2.160  1.00 20.00 ? 9  DG  A "O4'" 1 
ATOM   164 C "C3'" . DG  A 1 9  ? 8.492   -0.834  2.348  1.00 20.00 ? 9  DG  A "C3'" 1 
ATOM   165 O "O3'" . DG  A 1 9  ? 8.832   -1.274  3.664  1.00 20.00 ? 9  DG  A "O3'" 1 
ATOM   166 C "C2'" . DG  A 1 9  ? 6.985   -0.684  2.165  1.00 20.00 ? 9  DG  A "C2'" 1 
ATOM   167 C "C1'" . DG  A 1 9  ? 6.771   0.719   2.697  1.00 20.00 ? 9  DG  A "C1'" 1 
ATOM   168 N N9    . DG  A 1 9  ? 5.530   1.350   2.268  1.00 20.00 ? 9  DG  A N9    1 
ATOM   169 C C8    . DG  A 1 9  ? 4.975   1.336   1.010  1.00 20.00 ? 9  DG  A C8    1 
ATOM   170 N N7    . DG  A 1 9  ? 3.858   2.003   0.930  1.00 20.00 ? 9  DG  A N7    1 
ATOM   171 C C5    . DG  A 1 9  ? 3.664   2.490   2.217  1.00 20.00 ? 9  DG  A C5    1 
ATOM   172 C C6    . DG  A 1 9  ? 2.627   3.290   2.740  1.00 20.00 ? 9  DG  A C6    1 
ATOM   173 O O6    . DG  A 1 9  ? 1.632   3.727   2.148  1.00 20.00 ? 9  DG  A O6    1 
ATOM   174 N N1    . DG  A 1 9  ? 2.802   3.557   4.095  1.00 20.00 ? 9  DG  A N1    1 
ATOM   175 C C2    . DG  A 1 9  ? 3.861   3.111   4.850  1.00 20.00 ? 9  DG  A C2    1 
ATOM   176 N N2    . DG  A 1 9  ? 3.873   3.472   6.144  1.00 20.00 ? 9  DG  A N2    1 
ATOM   177 N N3    . DG  A 1 9  ? 4.844   2.367   4.368  1.00 20.00 ? 9  DG  A N3    1 
ATOM   178 C C4    . DG  A 1 9  ? 4.681   2.095   3.051  1.00 20.00 ? 9  DG  A C4    1 
ATOM   179 P P     . DG  A 1 10 ? 7.929   -2.301  4.507  1.00 20.00 ? 10 DG  A P     1 
ATOM   180 O OP1   . DG  A 1 10 ? 8.865   -3.163  5.268  1.00 20.00 ? 10 DG  A OP1   1 
ATOM   181 O OP2   . DG  A 1 10 ? 6.921   -2.928  3.628  1.00 20.00 ? 10 DG  A OP2   1 
ATOM   182 O "O5'" . DG  A 1 10 ? 7.140   -1.344  5.518  1.00 20.00 ? 10 DG  A "O5'" 1 
ATOM   183 C "C5'" . DG  A 1 10 ? 7.714   -1.082  6.800  1.00 20.00 ? 10 DG  A "C5'" 1 
ATOM   184 C "C4'" . DG  A 1 10 ? 6.659   -0.961  7.887  1.00 20.00 ? 10 DG  A "C4'" 1 
ATOM   185 O "O4'" . DG  A 1 10 ? 5.564   -0.130  7.433  1.00 20.00 ? 10 DG  A "O4'" 1 
ATOM   186 C "C3'" . DG  A 1 10 ? 6.042   -2.266  8.373  1.00 20.00 ? 10 DG  A "C3'" 1 
ATOM   187 O "O3'" . DG  A 1 10 ? 5.861   -2.191  9.787  1.00 20.00 ? 10 DG  A "O3'" 1 
ATOM   188 C "C2'" . DG  A 1 10 ? 4.708   -2.302  7.637  1.00 20.00 ? 10 DG  A "C2'" 1 
ATOM   189 C "C1'" . DG  A 1 10 ? 4.346   -0.824  7.562  1.00 20.00 ? 10 DG  A "C1'" 1 
ATOM   190 N N9    . DG  A 1 10 ? 3.532   -0.485  6.401  1.00 20.00 ? 10 DG  A N9    1 
ATOM   191 C C8    . DG  A 1 10 ? 3.734   -0.912  5.115  1.00 20.00 ? 10 DG  A C8    1 
ATOM   192 N N7    . DG  A 1 10 ? 2.867   -0.440  4.270  1.00 20.00 ? 10 DG  A N7    1 
ATOM   193 C C5    . DG  A 1 10 ? 2.037   0.347   5.044  1.00 20.00 ? 10 DG  A C5    1 
ATOM   194 C C6    . DG  A 1 10 ? 0.912   1.106   4.663  1.00 20.00 ? 10 DG  A C6    1 
ATOM   195 O O6    . DG  A 1 10 ? 0.408   1.221   3.530  1.00 20.00 ? 10 DG  A O6    1 
ATOM   196 N N1    . DG  A 1 10 ? 0.343   1.773   5.750  1.00 20.00 ? 10 DG  A N1    1 
ATOM   197 C C2    . DG  A 1 10 ? 0.818   1.710   7.038  1.00 20.00 ? 10 DG  A C2    1 
ATOM   198 N N2    . DG  A 1 10 ? 0.137   2.414   7.945  1.00 20.00 ? 10 DG  A N2    1 
ATOM   199 N N3    . DG  A 1 10 ? 1.870   0.992   7.408  1.00 20.00 ? 10 DG  A N3    1 
ATOM   200 C C4    . DG  A 1 10 ? 2.431   0.340   6.359  1.00 20.00 ? 10 DG  A C4    1 
ATOM   201 P P     . DG  A 1 11 ? 5.287   -3.433  10.615 1.00 20.00 ? 11 DG  A P     1 
ATOM   202 O OP1   . DG  A 1 11 ? 6.396   -3.978  11.419 1.00 20.00 ? 11 DG  A OP1   1 
ATOM   203 O OP2   . DG  A 1 11 ? 4.566   -4.318  9.666  1.00 20.00 ? 11 DG  A OP2   1 
ATOM   204 O "O5'" . DG  A 1 11 ? 4.221   -2.751  11.599 1.00 20.00 ? 11 DG  A "O5'" 1 
ATOM   205 C "C5'" . DG  A 1 11 ? 2.859   -3.186  11.607 1.00 20.00 ? 11 DG  A "C5'" 1 
ATOM   206 C "C4'" . DG  A 1 11 ? 1.948   -2.159  12.263 1.00 20.00 ? 11 DG  A "C4'" 1 
ATOM   207 O "O4'" . DG  A 1 11 ? 1.595   -1.132  11.307 1.00 20.00 ? 11 DG  A "O4'" 1 
ATOM   208 C "C3'" . DG  A 1 11 ? 0.635   -2.717  12.803 1.00 20.00 ? 11 DG  A "C3'" 1 
ATOM   209 O "O3'" . DG  A 1 11 ? 0.328   -2.134  14.067 1.00 20.00 ? 11 DG  A "O3'" 1 
ATOM   210 C "C2'" . DG  A 1 11 ? -0.402  -2.355  11.742 1.00 20.00 ? 11 DG  A "C2'" 1 
ATOM   211 C "C1'" . DG  A 1 11 ? 0.200   -1.137  11.046 1.00 20.00 ? 11 DG  A "C1'" 1 
ATOM   212 N N9    . DG  A 1 11 ? -0.013  -1.133  9.592  1.00 20.00 ? 11 DG  A N9    1 
ATOM   213 C C8    . DG  A 1 11 ? 0.737   -1.796  8.654  1.00 20.00 ? 11 DG  A C8    1 
ATOM   214 N N7    . DG  A 1 11 ? 0.326   -1.611  7.430  1.00 20.00 ? 11 DG  A N7    1 
ATOM   215 C C5    . DG  A 1 11 ? -0.775  -0.778  7.560  1.00 20.00 ? 11 DG  A C5    1 
ATOM   216 C C6    . DG  A 1 11 ? -1.636  -0.242  6.563  1.00 20.00 ? 11 DG  A C6    1 
ATOM   217 O O6    . DG  A 1 11 ? -1.587  -0.406  5.332  1.00 20.00 ? 11 DG  A O6    1 
ATOM   218 N N1    . DG  A 1 11 ? -2.620  0.581   7.110  1.00 20.00 ? 11 DG  A N1    1 
ATOM   219 C C2    . DG  A 1 11 ? -2.763  0.826   8.459  1.00 20.00 ? 11 DG  A C2    1 
ATOM   220 N N2    . DG  A 1 11 ? -3.775  1.636   8.806  1.00 20.00 ? 11 DG  A N2    1 
ATOM   221 N N3    . DG  A 1 11 ? -1.967  0.321   9.401  1.00 20.00 ? 11 DG  A N3    1 
ATOM   222 C C4    . DG  A 1 11 ? -0.996  -0.469  8.883  1.00 20.00 ? 11 DG  A C4    1 
HETATM 223 K K     . K   B 2 .  ? -2.922  2.350   2.904  0.50 20.00 ? 13 K   A K     1 
HETATM 224 K K     . K   C 2 .  ? -1.191  4.369   2.571  0.50 20.00 ? 14 K   A K     1 
HETATM 225 C CAA   . R14 D 3 .  ? -4.826  -3.644  -7.662 0.10 20.00 ? 15 R14 A CAA   1 
HETATM 226 C CAB   . R14 D 3 .  ? -7.818  -7.292  -7.731 0.10 20.00 ? 15 R14 A CAB   1 
HETATM 227 C CAC   . R14 D 3 .  ? -15.804 10.123  4.497  0.10 20.00 ? 15 R14 A CAC   1 
HETATM 228 C CAD   . R14 D 3 .  ? -13.018 7.518   5.790  0.10 20.00 ? 15 R14 A CAD   1 
HETATM 229 O OAE   . R14 D 3 .  ? -6.501  -6.382  -3.236 0.10 20.00 ? 15 R14 A OAE   1 
HETATM 230 O OAF   . R14 D 3 .  ? -14.655 6.018   7.346  0.50 20.00 ? 15 R14 A OAF   1 
HETATM 231 C CAG   . R14 D 3 .  ? -2.898  -9.038  -2.585 0.10 20.00 ? 15 R14 A CAG   1 
HETATM 232 C CAH   . R14 D 3 .  ? -13.440 2.625   8.212  0.50 20.00 ? 15 R14 A CAH   1 
HETATM 233 C CAI   . R14 D 3 .  ? -3.453  -8.166  -3.517 0.10 20.00 ? 15 R14 A CAI   1 
HETATM 234 C CAJ   . R14 D 3 .  ? -14.177 3.563   7.511  0.50 20.00 ? 15 R14 A CAJ   1 
HETATM 235 C CAK   . R14 D 3 .  ? -2.757  -8.642  -1.261 0.10 20.00 ? 15 R14 A CAK   1 
HETATM 236 C CAL   . R14 D 3 .  ? -12.459 1.900   7.554  0.50 20.00 ? 15 R14 A CAL   1 
HETATM 237 C CAM   . R14 D 3 .  ? -2.709  -4.870  4.324  0.50 20.00 ? 15 R14 A CAM   1 
HETATM 238 C CAN   . R14 D 3 .  ? -7.632  -0.179  6.670  0.50 20.00 ? 15 R14 A CAN   1 
HETATM 239 C CAO   . R14 D 3 .  ? -3.126  -3.990  5.318  0.50 20.00 ? 15 R14 A CAO   1 
HETATM 240 C CAP   . R14 D 3 .  ? -6.432  -0.841  6.890  0.50 20.00 ? 15 R14 A CAP   1 
HETATM 241 C CAQ   . R14 D 3 .  ? -3.723  -6.504  -1.802 0.10 20.00 ? 15 R14 A CAQ   1 
HETATM 242 C CAR   . R14 D 3 .  ? -12.964 3.041   5.491  0.50 20.00 ? 15 R14 A CAR   1 
HETATM 243 C CAS   . R14 D 3 .  ? -4.666  -4.341  3.039  0.50 20.00 ? 15 R14 A CAS   1 
HETATM 244 C CAT   . R14 D 3 .  ? -7.874  -1.290  4.552  0.50 20.00 ? 15 R14 A CAT   1 
HETATM 245 C CAU   . R14 D 3 .  ? -4.758  -2.406  6.145  0.50 20.00 ? 15 R14 A CAU   1 
HETATM 246 C CAV   . R14 D 3 .  ? -3.554  -5.879  0.974  0.10 20.00 ? 15 R14 A CAV   1 
HETATM 247 C CAW   . R14 D 3 .  ? -10.163 0.910   6.214  0.50 20.00 ? 15 R14 A CAW   1 
HETATM 248 C CAX   . R14 D 3 .  ? -5.335  -5.087  -7.615 0.10 20.00 ? 15 R14 A CAX   1 
HETATM 249 C CAY   . R14 D 3 .  ? -7.410  -5.987  -8.418 0.10 20.00 ? 15 R14 A CAY   1 
HETATM 250 C CAZ   . R14 D 3 .  ? -14.623 9.356   5.096  0.10 20.00 ? 15 R14 A CAZ   1 
HETATM 251 C CBA   . R14 D 3 .  ? -13.899 8.003   6.943  0.10 20.00 ? 15 R14 A CBA   1 
HETATM 252 C CBB   . R14 D 3 .  ? -6.202  -4.854  -5.069 0.10 20.00 ? 15 R14 A CBB   1 
HETATM 253 C CBC   . R14 D 3 .  ? -15.876 6.769   5.409  0.50 20.00 ? 15 R14 A CBC   1 
HETATM 254 C CBD   . R14 D 3 .  ? -7.124  -5.542  -6.077 0.10 20.00 ? 15 R14 A CBD   1 
HETATM 255 C CBE   . R14 D 3 .  ? -16.205 7.987   6.272  0.50 20.00 ? 15 R14 A CBE   1 
HETATM 256 N NBF   . R14 D 3 .  ? -2.388  -7.585  1.425  0.10 20.00 ? 15 R14 A NBF   1 
HETATM 257 N NBG   . R14 D 3 .  ? -11.158 0.882   4.349  0.50 20.00 ? 15 R14 A NBG   1 
HETATM 258 N NBH   . R14 D 3 .  ? -2.501  -6.916  2.462  0.10 20.00 ? 15 R14 A NBH   1 
HETATM 259 N NBI   . R14 D 3 .  ? -10.106 0.235   4.229  0.50 20.00 ? 15 R14 A NBI   1 
HETATM 260 N NBJ   . R14 D 3 .  ? -6.232  -2.804  3.848  0.50 20.00 ? 15 R14 A NBJ   1 
HETATM 261 N NBK   . R14 D 3 .  ? -4.399  -6.062  -4.009 0.10 20.00 ? 15 R14 A NBK   1 
HETATM 262 N NBL   . R14 D 3 .  ? -14.673 4.670   5.524  0.50 20.00 ? 15 R14 A NBL   1 
HETATM 263 C CBM   . R14 D 3 .  ? -5.712  -5.843  -4.010 0.10 20.00 ? 15 R14 A CBM   1 
HETATM 264 C CBN   . R14 D 3 .  ? -15.012 5.775   6.190  0.50 20.00 ? 15 R14 A CBN   1 
HETATM 265 C CBO   . R14 D 3 .  ? -3.866  -6.899  -3.124 0.10 20.00 ? 15 R14 A CBO   1 
HETATM 266 C CBP   . R14 D 3 .  ? -13.947 3.765   6.156  0.50 20.00 ? 15 R14 A CBP   1 
HETATM 267 C CBQ   . R14 D 3 .  ? -3.165  -7.372  -0.874 0.10 20.00 ? 15 R14 A CBQ   1 
HETATM 268 C CBR   . R14 D 3 .  ? -12.225 2.099   6.200  0.50 20.00 ? 15 R14 A CBR   1 
HETATM 269 C CBS   . R14 D 3 .  ? -3.477  -5.026  3.178  0.50 20.00 ? 15 R14 A CBS   1 
HETATM 270 C CBT   . R14 D 3 .  ? -8.343  -0.394  5.495  0.50 20.00 ? 15 R14 A CBT   1 
HETATM 271 C CBU   . R14 D 3 .  ? -3.038  -6.965  0.445  0.10 20.00 ? 15 R14 A CBU   1 
HETATM 272 C CBV   . R14 D 3 .  ? -11.229 1.346   5.599  0.50 20.00 ? 15 R14 A CBV   1 
HETATM 273 C CBW   . R14 D 3 .  ? -4.321  -3.287  5.165  0.50 20.00 ? 15 R14 A CBW   1 
HETATM 274 C CBX   . R14 D 3 .  ? -5.952  -1.733  5.938  0.50 20.00 ? 15 R14 A CBX   1 
HETATM 275 C CBY   . R14 D 3 .  ? -5.086  -3.467  4.021  0.50 20.00 ? 15 R14 A CBY   1 
HETATM 276 C CBZ   . R14 D 3 .  ? -6.677  -1.955  4.772  0.50 20.00 ? 15 R14 A CBZ   1 
HETATM 277 N NCA   . R14 D 3 .  ? -6.794  -5.086  -7.435 0.10 20.00 ? 15 R14 A NCA   1 
HETATM 278 N NCB   . R14 D 3 .  ? -15.001 8.820   6.411  0.10 20.00 ? 15 R14 A NCB   1 
HETATM 279 N NCC   . R14 D 3 .  ? -3.145  -5.885  2.230  0.10 20.00 ? 15 R14 A NCC   1 
HETATM 280 N NCD   . R14 D 3 .  ? -9.493  0.233   5.307  0.50 20.00 ? 15 R14 A NCD   1 
# 
loop_
_pdbx_poly_seq_scheme.asym_id 
_pdbx_poly_seq_scheme.entity_id 
_pdbx_poly_seq_scheme.seq_id 
_pdbx_poly_seq_scheme.mon_id 
_pdbx_poly_seq_scheme.ndb_seq_num 
_pdbx_poly_seq_scheme.pdb_seq_num 
_pdbx_poly_seq_scheme.auth_seq_num 
_pdbx_poly_seq_scheme.pdb_mon_id 
_pdbx_poly_seq_scheme.auth_mon_id 
_pdbx_poly_seq_scheme.pdb_strand_id 
_pdbx_poly_seq_scheme.pdb_ins_code 
_pdbx_poly_seq_scheme.hetero 
A 1 1  DT 1  1  1  DT DT A . n 
A 1 2  DA 2  2  2  DA DA A . n 
A 1 3  DG 3  3  3  DG DG A . n 
A 1 4  DG 4  4  4  DG DG A . n 
A 1 5  DG 5  5  5  DG DG A . n 
A 1 6  DT 6  6  6  DT DT A . n 
A 1 7  DT 7  7  7  DT DT A . n 
A 1 8  DA 8  8  8  DA DA A . n 
A 1 9  DG 9  9  9  DG DG A . n 
A 1 10 DG 10 10 10 DG DG A . n 
A 1 11 DG 11 11 11 DG DG A . n 
A 1 12 DT 12 12 ?  ?  ?  A . n 
# 
loop_
_pdbx_nonpoly_scheme.asym_id 
_pdbx_nonpoly_scheme.entity_id 
_pdbx_nonpoly_scheme.mon_id 
_pdbx_nonpoly_scheme.ndb_seq_num 
_pdbx_nonpoly_scheme.pdb_seq_num 
_pdbx_nonpoly_scheme.auth_seq_num 
_pdbx_nonpoly_scheme.pdb_mon_id 
_pdbx_nonpoly_scheme.auth_mon_id 
_pdbx_nonpoly_scheme.pdb_strand_id 
_pdbx_nonpoly_scheme.pdb_ins_code 
B 2 K   1 13 13 K   K   A . 
C 2 K   1 14 14 K   K   A . 
D 3 R14 1 15 1  R14 R14 A . 
# 
_pdbx_struct_assembly.id                   1 
_pdbx_struct_assembly.details              author_and_software_defined_assembly 
_pdbx_struct_assembly.method_details       PISA 
_pdbx_struct_assembly.oligomeric_details   dimeric 
_pdbx_struct_assembly.oligomeric_count     2 
# 
_pdbx_struct_assembly_gen.assembly_id       1 
_pdbx_struct_assembly_gen.oper_expression   1,2 
_pdbx_struct_assembly_gen.asym_id_list      A,B,C,D 
# 
loop_
_pdbx_struct_assembly_prop.biol_id 
_pdbx_struct_assembly_prop.type 
_pdbx_struct_assembly_prop.value 
_pdbx_struct_assembly_prop.details 
1 'ABSA (A^2)' 3760 ? 
1 MORE         -22  ? 
1 'SSA (A^2)'  3410 ? 
# 
loop_
_pdbx_struct_oper_list.id 
_pdbx_struct_oper_list.type 
_pdbx_struct_oper_list.name 
_pdbx_struct_oper_list.symmetry_operation 
_pdbx_struct_oper_list.matrix[1][1] 
_pdbx_struct_oper_list.matrix[1][2] 
_pdbx_struct_oper_list.matrix[1][3] 
_pdbx_struct_oper_list.vector[1] 
_pdbx_struct_oper_list.matrix[2][1] 
_pdbx_struct_oper_list.matrix[2][2] 
_pdbx_struct_oper_list.matrix[2][3] 
_pdbx_struct_oper_list.vector[2] 
_pdbx_struct_oper_list.matrix[3][1] 
_pdbx_struct_oper_list.matrix[3][2] 
_pdbx_struct_oper_list.matrix[3][3] 
_pdbx_struct_oper_list.vector[3] 
1 'identity operation'         1_555 x,y,z      1.0000000000  0.0000000000 0.0000000000  0.0000000000  0.0000000000 1.0000000000 0.0000000000  0.0000000000 0.0000000000  0.0000000000  1.0000000000  0.0000000000 
2 'crystal symmetry operation' 7_555 y,x,-z+2/3 -0.4309108271 0.8373352796 -0.3364305108 -4.1458242853 0.8373352796 0.2320219816 -0.4950105348 5.3186381841 -0.3364305108 -0.4950105348 -0.8011111545 6.2245831155 
# 
_pdbx_struct_special_symmetry.id              1 
_pdbx_struct_special_symmetry.PDB_model_num   1 
_pdbx_struct_special_symmetry.auth_asym_id    A 
_pdbx_struct_special_symmetry.auth_comp_id    K 
_pdbx_struct_special_symmetry.auth_seq_id     14 
_pdbx_struct_special_symmetry.PDB_ins_code    ? 
_pdbx_struct_special_symmetry.label_asym_id   C 
_pdbx_struct_special_symmetry.label_comp_id   K 
_pdbx_struct_special_symmetry.label_seq_id    . 
# 
loop_
_pdbx_struct_conn_angle.id 
_pdbx_struct_conn_angle.ptnr1_label_atom_id 
_pdbx_struct_conn_angle.ptnr1_label_alt_id 
_pdbx_struct_conn_angle.ptnr1_label_asym_id 
_pdbx_struct_conn_angle.ptnr1_label_comp_id 
_pdbx_struct_conn_angle.ptnr1_label_seq_id 
_pdbx_struct_conn_angle.ptnr1_auth_atom_id 
_pdbx_struct_conn_angle.ptnr1_auth_asym_id 
_pdbx_struct_conn_angle.ptnr1_auth_comp_id 
_pdbx_struct_conn_angle.ptnr1_auth_seq_id 
_pdbx_struct_conn_angle.ptnr1_PDB_ins_code 
_pdbx_struct_conn_angle.ptnr1_symmetry 
_pdbx_struct_conn_angle.ptnr2_label_atom_id 
_pdbx_struct_conn_angle.ptnr2_label_alt_id 
_pdbx_struct_conn_angle.ptnr2_label_asym_id 
_pdbx_struct_conn_angle.ptnr2_label_comp_id 
_pdbx_struct_conn_angle.ptnr2_label_seq_id 
_pdbx_struct_conn_angle.ptnr2_auth_atom_id 
_pdbx_struct_conn_angle.ptnr2_auth_asym_id 
_pdbx_struct_conn_angle.ptnr2_auth_comp_id 
_pdbx_struct_conn_angle.ptnr2_auth_seq_id 
_pdbx_struct_conn_angle.ptnr2_PDB_ins_code 
_pdbx_struct_conn_angle.ptnr2_symmetry 
_pdbx_struct_conn_angle.ptnr3_label_atom_id 
_pdbx_struct_conn_angle.ptnr3_label_alt_id 
_pdbx_struct_conn_angle.ptnr3_label_asym_id 
_pdbx_struct_conn_angle.ptnr3_label_comp_id 
_pdbx_struct_conn_angle.ptnr3_label_seq_id 
_pdbx_struct_conn_angle.ptnr3_auth_atom_id 
_pdbx_struct_conn_angle.ptnr3_auth_asym_id 
_pdbx_struct_conn_angle.ptnr3_auth_comp_id 
_pdbx_struct_conn_angle.ptnr3_auth_seq_id 
_pdbx_struct_conn_angle.ptnr3_PDB_ins_code 
_pdbx_struct_conn_angle.ptnr3_symmetry 
_pdbx_struct_conn_angle.value 
_pdbx_struct_conn_angle.value_esd 
1 O6 ? A DG 3 ? A DG 3 ? 1_555 K ? C K . ? A K 14 ? 1_555 O6 ? A DG 4 ? A DG 4 ? 1_555 61.6 ? 
2 O6 ? A DG 3 ? A DG 3 ? 1_555 K ? C K . ? A K 14 ? 1_555 O6 ? A DG 9 ? A DG 9 ? 1_555 92.0 ? 
3 O6 ? A DG 4 ? A DG 4 ? 1_555 K ? C K . ? A K 14 ? 1_555 O6 ? A DG 9 ? A DG 9 ? 1_555 90.3 ? 
4 O6 ? A DG 4 ? A DG 4 ? 1_555 K ? B K . ? A K 13 ? 1_555 O6 ? A DG 5 ? A DG 5 ? 1_555 74.9 ? 
# 
loop_
_pdbx_audit_revision_history.ordinal 
_pdbx_audit_revision_history.data_content_type 
_pdbx_audit_revision_history.major_revision 
_pdbx_audit_revision_history.minor_revision 
_pdbx_audit_revision_history.revision_date 
1 'Structure model' 1 0 2011-02-16 
2 'Structure model' 1 1 2011-07-13 
3 'Structure model' 1 2 2023-09-13 
# 
_pdbx_audit_revision_details.ordinal             1 
_pdbx_audit_revision_details.revision_ordinal    1 
_pdbx_audit_revision_details.data_content_type   'Structure model' 
_pdbx_audit_revision_details.provider            repository 
_pdbx_audit_revision_details.type                'Initial release' 
_pdbx_audit_revision_details.description         ? 
_pdbx_audit_revision_details.details             ? 
# 
loop_
_pdbx_audit_revision_group.ordinal 
_pdbx_audit_revision_group.revision_ordinal 
_pdbx_audit_revision_group.data_content_type 
_pdbx_audit_revision_group.group 
1 2 'Structure model' 'Version format compliance' 
2 3 'Structure model' 'Data collection'           
3 3 'Structure model' 'Database references'       
4 3 'Structure model' 'Derived calculations'      
5 3 'Structure model' 'Refinement description'    
# 
loop_
_pdbx_audit_revision_category.ordinal 
_pdbx_audit_revision_category.revision_ordinal 
_pdbx_audit_revision_category.data_content_type 
_pdbx_audit_revision_category.category 
1 3 'Structure model' chem_comp_atom                
2 3 'Structure model' chem_comp_bond                
3 3 'Structure model' database_2                    
4 3 'Structure model' pdbx_initial_refinement_model 
5 3 'Structure model' pdbx_struct_conn_angle        
6 3 'Structure model' pdbx_struct_special_symmetry  
7 3 'Structure model' struct_conn                   
8 3 'Structure model' struct_site                   
# 
loop_
_pdbx_audit_revision_item.ordinal 
_pdbx_audit_revision_item.revision_ordinal 
_pdbx_audit_revision_item.data_content_type 
_pdbx_audit_revision_item.item 
1  3 'Structure model' '_database_2.pdbx_DOI'                       
2  3 'Structure model' '_database_2.pdbx_database_accession'        
3  3 'Structure model' '_pdbx_struct_conn_angle.ptnr1_auth_seq_id'  
4  3 'Structure model' '_pdbx_struct_conn_angle.ptnr1_label_seq_id' 
5  3 'Structure model' '_pdbx_struct_conn_angle.ptnr3_auth_seq_id'  
6  3 'Structure model' '_pdbx_struct_conn_angle.ptnr3_label_seq_id' 
7  3 'Structure model' '_pdbx_struct_conn_angle.value'              
8  3 'Structure model' '_struct_conn.pdbx_dist_value'               
9  3 'Structure model' '_struct_conn.ptnr1_auth_seq_id'             
10 3 'Structure model' '_struct_conn.ptnr1_label_seq_id'            
11 3 'Structure model' '_struct_conn.ptnr2_auth_seq_id'             
12 3 'Structure model' '_struct_conn.ptnr2_label_asym_id'           
13 3 'Structure model' '_struct_site.pdbx_auth_asym_id'             
14 3 'Structure model' '_struct_site.pdbx_auth_comp_id'             
15 3 'Structure model' '_struct_site.pdbx_auth_seq_id'              
# 
loop_
_pdbx_refine_tls.pdbx_refine_id 
_pdbx_refine_tls.id 
_pdbx_refine_tls.details 
_pdbx_refine_tls.method 
_pdbx_refine_tls.origin_x 
_pdbx_refine_tls.origin_y 
_pdbx_refine_tls.origin_z 
_pdbx_refine_tls.T[1][1] 
_pdbx_refine_tls.T[2][2] 
_pdbx_refine_tls.T[3][3] 
_pdbx_refine_tls.T[1][2] 
_pdbx_refine_tls.T[1][3] 
_pdbx_refine_tls.T[2][3] 
_pdbx_refine_tls.L[1][1] 
_pdbx_refine_tls.L[2][2] 
_pdbx_refine_tls.L[3][3] 
_pdbx_refine_tls.L[1][2] 
_pdbx_refine_tls.L[1][3] 
_pdbx_refine_tls.L[2][3] 
_pdbx_refine_tls.S[1][1] 
_pdbx_refine_tls.S[1][2] 
_pdbx_refine_tls.S[1][3] 
_pdbx_refine_tls.S[2][1] 
_pdbx_refine_tls.S[2][2] 
_pdbx_refine_tls.S[2][3] 
_pdbx_refine_tls.S[3][1] 
_pdbx_refine_tls.S[3][2] 
_pdbx_refine_tls.S[3][3] 
'X-RAY DIFFRACTION' 1 ? refined -1.8979 6.1644  -3.9205 0.5056 0.3559 0.4538 0.0635 0.0651  -0.0644 6.9357 6.5358 4.8757 6.5318  2.0620  3.2105 -0.1674 -0.3284 -0.5067 -0.3547 -0.6022 -0.2395 -0.5630 -1.0474 0.7696  
'X-RAY DIFFRACTION' 2 ? refined 4.3175  -3.1147 1.5057  0.1860 0.1772 0.0561 0.0410 -0.0308 -0.0063 9.6736 4.9882 8.1887 -3.9833 -7.8873 5.6418 0.1168  -0.3436 0.0445  0.1935  0.1964  -0.4041 0.1284  0.4005  -0.3133 
# 
loop_
_pdbx_refine_tls_group.pdbx_refine_id 
_pdbx_refine_tls_group.id 
_pdbx_refine_tls_group.refine_tls_id 
_pdbx_refine_tls_group.beg_auth_asym_id 
_pdbx_refine_tls_group.beg_auth_seq_id 
_pdbx_refine_tls_group.beg_label_asym_id 
_pdbx_refine_tls_group.beg_label_seq_id 
_pdbx_refine_tls_group.end_auth_asym_id 
_pdbx_refine_tls_group.end_auth_seq_id 
_pdbx_refine_tls_group.end_label_asym_id 
_pdbx_refine_tls_group.end_label_seq_id 
_pdbx_refine_tls_group.selection 
_pdbx_refine_tls_group.selection_details 
'X-RAY DIFFRACTION' 1 1 A 1 ? ? A 4  ? ? ? ? 
'X-RAY DIFFRACTION' 2 2 A 5 ? ? A 11 ? ? ? ? 
# 
loop_
_software.name 
_software.classification 
_software.version 
_software.citation_id 
_software.pdbx_ordinal 
DNA    'data collection' .        ? 1 
PHASER phasing           .        ? 2 
REFMAC refinement        5.5.0072 ? 3 
XDS    'data reduction'  .        ? 4 
SCALA  'data scaling'    .        ? 5 
# 
_pdbx_validate_rmsd_angle.id                         1 
_pdbx_validate_rmsd_angle.PDB_model_num              1 
_pdbx_validate_rmsd_angle.auth_atom_id_1             "O4'" 
_pdbx_validate_rmsd_angle.auth_asym_id_1             A 
_pdbx_validate_rmsd_angle.auth_comp_id_1             DT 
_pdbx_validate_rmsd_angle.auth_seq_id_1              6 
_pdbx_validate_rmsd_angle.PDB_ins_code_1             ? 
_pdbx_validate_rmsd_angle.label_alt_id_1             ? 
_pdbx_validate_rmsd_angle.auth_atom_id_2             "C1'" 
_pdbx_validate_rmsd_angle.auth_asym_id_2             A 
_pdbx_validate_rmsd_angle.auth_comp_id_2             DT 
_pdbx_validate_rmsd_angle.auth_seq_id_2              6 
_pdbx_validate_rmsd_angle.PDB_ins_code_2             ? 
_pdbx_validate_rmsd_angle.label_alt_id_2             ? 
_pdbx_validate_rmsd_angle.auth_atom_id_3             N1 
_pdbx_validate_rmsd_angle.auth_asym_id_3             A 
_pdbx_validate_rmsd_angle.auth_comp_id_3             DT 
_pdbx_validate_rmsd_angle.auth_seq_id_3              6 
_pdbx_validate_rmsd_angle.PDB_ins_code_3             ? 
_pdbx_validate_rmsd_angle.label_alt_id_3             ? 
_pdbx_validate_rmsd_angle.angle_value                110.82 
_pdbx_validate_rmsd_angle.angle_target_value         108.30 
_pdbx_validate_rmsd_angle.angle_deviation            2.52 
_pdbx_validate_rmsd_angle.angle_standard_deviation   0.30 
_pdbx_validate_rmsd_angle.linker_flag                N 
# 
loop_
_pdbx_unobs_or_zero_occ_atoms.id 
_pdbx_unobs_or_zero_occ_atoms.PDB_model_num 
_pdbx_unobs_or_zero_occ_atoms.polymer_flag 
_pdbx_unobs_or_zero_occ_atoms.occupancy_flag 
_pdbx_unobs_or_zero_occ_atoms.auth_asym_id 
_pdbx_unobs_or_zero_occ_atoms.auth_comp_id 
_pdbx_unobs_or_zero_occ_atoms.auth_seq_id 
_pdbx_unobs_or_zero_occ_atoms.PDB_ins_code 
_pdbx_unobs_or_zero_occ_atoms.auth_atom_id 
_pdbx_unobs_or_zero_occ_atoms.label_alt_id 
_pdbx_unobs_or_zero_occ_atoms.label_asym_id 
_pdbx_unobs_or_zero_occ_atoms.label_comp_id 
_pdbx_unobs_or_zero_occ_atoms.label_seq_id 
_pdbx_unobs_or_zero_occ_atoms.label_atom_id 
1 1 Y 1 A DT 7 ? N1 ? A DT 7 N1 
2 1 Y 1 A DT 7 ? C2 ? A DT 7 C2 
3 1 Y 1 A DT 7 ? O2 ? A DT 7 O2 
4 1 Y 1 A DT 7 ? N3 ? A DT 7 N3 
5 1 Y 1 A DT 7 ? C4 ? A DT 7 C4 
6 1 Y 1 A DT 7 ? O4 ? A DT 7 O4 
7 1 Y 1 A DT 7 ? C5 ? A DT 7 C5 
8 1 Y 1 A DT 7 ? C7 ? A DT 7 C7 
9 1 Y 1 A DT 7 ? C6 ? A DT 7 C6 
# 
_pdbx_unobs_or_zero_occ_residues.id               1 
_pdbx_unobs_or_zero_occ_residues.PDB_model_num    1 
_pdbx_unobs_or_zero_occ_residues.polymer_flag     Y 
_pdbx_unobs_or_zero_occ_residues.occupancy_flag   1 
_pdbx_unobs_or_zero_occ_residues.auth_asym_id     A 
_pdbx_unobs_or_zero_occ_residues.auth_comp_id     DT 
_pdbx_unobs_or_zero_occ_residues.auth_seq_id      12 
_pdbx_unobs_or_zero_occ_residues.PDB_ins_code     ? 
_pdbx_unobs_or_zero_occ_residues.label_asym_id    A 
_pdbx_unobs_or_zero_occ_residues.label_comp_id    DT 
_pdbx_unobs_or_zero_occ_residues.label_seq_id     12 
# 
loop_
_chem_comp_atom.comp_id 
_chem_comp_atom.atom_id 
_chem_comp_atom.type_symbol 
_chem_comp_atom.pdbx_aromatic_flag 
_chem_comp_atom.pdbx_stereo_config 
_chem_comp_atom.pdbx_ordinal 
DA  OP3    O N N 1   
DA  P      P N N 2   
DA  OP1    O N N 3   
DA  OP2    O N N 4   
DA  "O5'"  O N N 5   
DA  "C5'"  C N N 6   
DA  "C4'"  C N R 7   
DA  "O4'"  O N N 8   
DA  "C3'"  C N S 9   
DA  "O3'"  O N N 10  
DA  "C2'"  C N N 11  
DA  "C1'"  C N R 12  
DA  N9     N Y N 13  
DA  C8     C Y N 14  
DA  N7     N Y N 15  
DA  C5     C Y N 16  
DA  C6     C Y N 17  
DA  N6     N N N 18  
DA  N1     N Y N 19  
DA  C2     C Y N 20  
DA  N3     N Y N 21  
DA  C4     C Y N 22  
DA  HOP3   H N N 23  
DA  HOP2   H N N 24  
DA  "H5'"  H N N 25  
DA  "H5''" H N N 26  
DA  "H4'"  H N N 27  
DA  "H3'"  H N N 28  
DA  "HO3'" H N N 29  
DA  "H2'"  H N N 30  
DA  "H2''" H N N 31  
DA  "H1'"  H N N 32  
DA  H8     H N N 33  
DA  H61    H N N 34  
DA  H62    H N N 35  
DA  H2     H N N 36  
DG  OP3    O N N 37  
DG  P      P N N 38  
DG  OP1    O N N 39  
DG  OP2    O N N 40  
DG  "O5'"  O N N 41  
DG  "C5'"  C N N 42  
DG  "C4'"  C N R 43  
DG  "O4'"  O N N 44  
DG  "C3'"  C N S 45  
DG  "O3'"  O N N 46  
DG  "C2'"  C N N 47  
DG  "C1'"  C N R 48  
DG  N9     N Y N 49  
DG  C8     C Y N 50  
DG  N7     N Y N 51  
DG  C5     C Y N 52  
DG  C6     C N N 53  
DG  O6     O N N 54  
DG  N1     N N N 55  
DG  C2     C N N 56  
DG  N2     N N N 57  
DG  N3     N N N 58  
DG  C4     C Y N 59  
DG  HOP3   H N N 60  
DG  HOP2   H N N 61  
DG  "H5'"  H N N 62  
DG  "H5''" H N N 63  
DG  "H4'"  H N N 64  
DG  "H3'"  H N N 65  
DG  "HO3'" H N N 66  
DG  "H2'"  H N N 67  
DG  "H2''" H N N 68  
DG  "H1'"  H N N 69  
DG  H8     H N N 70  
DG  H1     H N N 71  
DG  H21    H N N 72  
DG  H22    H N N 73  
DT  OP3    O N N 74  
DT  P      P N N 75  
DT  OP1    O N N 76  
DT  OP2    O N N 77  
DT  "O5'"  O N N 78  
DT  "C5'"  C N N 79  
DT  "C4'"  C N R 80  
DT  "O4'"  O N N 81  
DT  "C3'"  C N S 82  
DT  "O3'"  O N N 83  
DT  "C2'"  C N N 84  
DT  "C1'"  C N R 85  
DT  N1     N N N 86  
DT  C2     C N N 87  
DT  O2     O N N 88  
DT  N3     N N N 89  
DT  C4     C N N 90  
DT  O4     O N N 91  
DT  C5     C N N 92  
DT  C7     C N N 93  
DT  C6     C N N 94  
DT  HOP3   H N N 95  
DT  HOP2   H N N 96  
DT  "H5'"  H N N 97  
DT  "H5''" H N N 98  
DT  "H4'"  H N N 99  
DT  "H3'"  H N N 100 
DT  "HO3'" H N N 101 
DT  "H2'"  H N N 102 
DT  "H2''" H N N 103 
DT  "H1'"  H N N 104 
DT  H3     H N N 105 
DT  H71    H N N 106 
DT  H72    H N N 107 
DT  H73    H N N 108 
DT  H6     H N N 109 
K   K      K N N 110 
R14 CAA    C N N 111 
R14 CAB    C N N 112 
R14 CAC    C N N 113 
R14 CAD    C N N 114 
R14 OAE    O N N 115 
R14 OAF    O N N 116 
R14 CAG    C Y N 117 
R14 CAH    C Y N 118 
R14 CAI    C Y N 119 
R14 CAJ    C Y N 120 
R14 CAK    C Y N 121 
R14 CAL    C Y N 122 
R14 CAM    C Y N 123 
R14 CAN    C Y N 124 
R14 CAO    C Y N 125 
R14 CAP    C Y N 126 
R14 CAQ    C Y N 127 
R14 CAR    C Y N 128 
R14 CAS    C Y N 129 
R14 CAT    C Y N 130 
R14 CAU    C Y N 131 
R14 CAV    C Y N 132 
R14 CAW    C Y N 133 
R14 CAX    C N N 134 
R14 CAY    C N N 135 
R14 CAZ    C N N 136 
R14 CBA    C N N 137 
R14 CBB    C N N 138 
R14 CBC    C N N 139 
R14 CBD    C N N 140 
R14 CBE    C N N 141 
R14 NBF    N Y N 142 
R14 NBG    N Y N 143 
R14 NBH    N Y N 144 
R14 NBI    N Y N 145 
R14 NBJ    N Y N 146 
R14 NBK    N N N 147 
R14 NBL    N N N 148 
R14 CBM    C N N 149 
R14 CBN    C N N 150 
R14 CBO    C Y N 151 
R14 CBP    C Y N 152 
R14 CBQ    C Y N 153 
R14 CBR    C Y N 154 
R14 CBS    C Y N 155 
R14 CBT    C Y N 156 
R14 CBU    C Y N 157 
R14 CBV    C Y N 158 
R14 CBW    C Y N 159 
R14 CBX    C Y N 160 
R14 CBY    C Y N 161 
R14 CBZ    C Y N 162 
R14 NCA    N N N 163 
R14 NCB    N N N 164 
R14 NCC    N Y N 165 
R14 NCD    N Y N 166 
R14 HAA    H N N 167 
R14 HAAA   H N N 168 
R14 HAAB   H N N 169 
R14 HAB    H N N 170 
R14 HABA   H N N 171 
R14 HABB   H N N 172 
R14 HAC    H N N 173 
R14 HACA   H N N 174 
R14 HACB   H N N 175 
R14 HAD    H N N 176 
R14 HADA   H N N 177 
R14 HADB   H N N 178 
R14 HAG    H N N 179 
R14 HAH    H N N 180 
R14 HAI    H N N 181 
R14 HAJ    H N N 182 
R14 HAK    H N N 183 
R14 HAL    H N N 184 
R14 HAM    H N N 185 
R14 HAN    H N N 186 
R14 HAO    H N N 187 
R14 HAP    H N N 188 
R14 HAQ    H N N 189 
R14 HAR    H N N 190 
R14 HAS    H N N 191 
R14 HAT    H N N 192 
R14 HAU    H N N 193 
R14 HAV    H N N 194 
R14 HAW    H N N 195 
R14 HAX    H N N 196 
R14 HAXA   H N N 197 
R14 HAY    H N N 198 
R14 HAYA   H N N 199 
R14 HAZ    H N N 200 
R14 HAZA   H N N 201 
R14 HBA    H N N 202 
R14 HBAA   H N N 203 
R14 HBB    H N N 204 
R14 HBBA   H N N 205 
R14 HBC    H N N 206 
R14 HBCA   H N N 207 
R14 HBD    H N N 208 
R14 HBDA   H N N 209 
R14 HBE    H N N 210 
R14 HBEA   H N N 211 
R14 HNBK   H N N 212 
R14 HNBL   H N N 213 
# 
loop_
_chem_comp_bond.comp_id 
_chem_comp_bond.atom_id_1 
_chem_comp_bond.atom_id_2 
_chem_comp_bond.value_order 
_chem_comp_bond.pdbx_aromatic_flag 
_chem_comp_bond.pdbx_stereo_config 
_chem_comp_bond.pdbx_ordinal 
DA  OP3   P      sing N N 1   
DA  OP3   HOP3   sing N N 2   
DA  P     OP1    doub N N 3   
DA  P     OP2    sing N N 4   
DA  P     "O5'"  sing N N 5   
DA  OP2   HOP2   sing N N 6   
DA  "O5'" "C5'"  sing N N 7   
DA  "C5'" "C4'"  sing N N 8   
DA  "C5'" "H5'"  sing N N 9   
DA  "C5'" "H5''" sing N N 10  
DA  "C4'" "O4'"  sing N N 11  
DA  "C4'" "C3'"  sing N N 12  
DA  "C4'" "H4'"  sing N N 13  
DA  "O4'" "C1'"  sing N N 14  
DA  "C3'" "O3'"  sing N N 15  
DA  "C3'" "C2'"  sing N N 16  
DA  "C3'" "H3'"  sing N N 17  
DA  "O3'" "HO3'" sing N N 18  
DA  "C2'" "C1'"  sing N N 19  
DA  "C2'" "H2'"  sing N N 20  
DA  "C2'" "H2''" sing N N 21  
DA  "C1'" N9     sing N N 22  
DA  "C1'" "H1'"  sing N N 23  
DA  N9    C8     sing Y N 24  
DA  N9    C4     sing Y N 25  
DA  C8    N7     doub Y N 26  
DA  C8    H8     sing N N 27  
DA  N7    C5     sing Y N 28  
DA  C5    C6     sing Y N 29  
DA  C5    C4     doub Y N 30  
DA  C6    N6     sing N N 31  
DA  C6    N1     doub Y N 32  
DA  N6    H61    sing N N 33  
DA  N6    H62    sing N N 34  
DA  N1    C2     sing Y N 35  
DA  C2    N3     doub Y N 36  
DA  C2    H2     sing N N 37  
DA  N3    C4     sing Y N 38  
DG  OP3   P      sing N N 39  
DG  OP3   HOP3   sing N N 40  
DG  P     OP1    doub N N 41  
DG  P     OP2    sing N N 42  
DG  P     "O5'"  sing N N 43  
DG  OP2   HOP2   sing N N 44  
DG  "O5'" "C5'"  sing N N 45  
DG  "C5'" "C4'"  sing N N 46  
DG  "C5'" "H5'"  sing N N 47  
DG  "C5'" "H5''" sing N N 48  
DG  "C4'" "O4'"  sing N N 49  
DG  "C4'" "C3'"  sing N N 50  
DG  "C4'" "H4'"  sing N N 51  
DG  "O4'" "C1'"  sing N N 52  
DG  "C3'" "O3'"  sing N N 53  
DG  "C3'" "C2'"  sing N N 54  
DG  "C3'" "H3'"  sing N N 55  
DG  "O3'" "HO3'" sing N N 56  
DG  "C2'" "C1'"  sing N N 57  
DG  "C2'" "H2'"  sing N N 58  
DG  "C2'" "H2''" sing N N 59  
DG  "C1'" N9     sing N N 60  
DG  "C1'" "H1'"  sing N N 61  
DG  N9    C8     sing Y N 62  
DG  N9    C4     sing Y N 63  
DG  C8    N7     doub Y N 64  
DG  C8    H8     sing N N 65  
DG  N7    C5     sing Y N 66  
DG  C5    C6     sing N N 67  
DG  C5    C4     doub Y N 68  
DG  C6    O6     doub N N 69  
DG  C6    N1     sing N N 70  
DG  N1    C2     sing N N 71  
DG  N1    H1     sing N N 72  
DG  C2    N2     sing N N 73  
DG  C2    N3     doub N N 74  
DG  N2    H21    sing N N 75  
DG  N2    H22    sing N N 76  
DG  N3    C4     sing N N 77  
DT  OP3   P      sing N N 78  
DT  OP3   HOP3   sing N N 79  
DT  P     OP1    doub N N 80  
DT  P     OP2    sing N N 81  
DT  P     "O5'"  sing N N 82  
DT  OP2   HOP2   sing N N 83  
DT  "O5'" "C5'"  sing N N 84  
DT  "C5'" "C4'"  sing N N 85  
DT  "C5'" "H5'"  sing N N 86  
DT  "C5'" "H5''" sing N N 87  
DT  "C4'" "O4'"  sing N N 88  
DT  "C4'" "C3'"  sing N N 89  
DT  "C4'" "H4'"  sing N N 90  
DT  "O4'" "C1'"  sing N N 91  
DT  "C3'" "O3'"  sing N N 92  
DT  "C3'" "C2'"  sing N N 93  
DT  "C3'" "H3'"  sing N N 94  
DT  "O3'" "HO3'" sing N N 95  
DT  "C2'" "C1'"  sing N N 96  
DT  "C2'" "H2'"  sing N N 97  
DT  "C2'" "H2''" sing N N 98  
DT  "C1'" N1     sing N N 99  
DT  "C1'" "H1'"  sing N N 100 
DT  N1    C2     sing N N 101 
DT  N1    C6     sing N N 102 
DT  C2    O2     doub N N 103 
DT  C2    N3     sing N N 104 
DT  N3    C4     sing N N 105 
DT  N3    H3     sing N N 106 
DT  C4    O4     doub N N 107 
DT  C4    C5     sing N N 108 
DT  C5    C7     sing N N 109 
DT  C5    C6     doub N N 110 
DT  C7    H71    sing N N 111 
DT  C7    H72    sing N N 112 
DT  C7    H73    sing N N 113 
DT  C6    H6     sing N N 114 
R14 CAX   CAA    sing N N 115 
R14 CAA   HAA    sing N N 116 
R14 CAA   HAAA   sing N N 117 
R14 CAA   HAAB   sing N N 118 
R14 CAY   CAB    sing N N 119 
R14 CAB   HAB    sing N N 120 
R14 CAB   HABA   sing N N 121 
R14 CAB   HABB   sing N N 122 
R14 CAC   CAZ    sing N N 123 
R14 CAC   HAC    sing N N 124 
R14 CAC   HACA   sing N N 125 
R14 CAC   HACB   sing N N 126 
R14 CAD   CBA    sing N N 127 
R14 CAD   HAD    sing N N 128 
R14 CAD   HADA   sing N N 129 
R14 CAD   HADB   sing N N 130 
R14 OAE   CBM    doub N N 131 
R14 CBN   OAF    doub N N 132 
R14 CAK   CAG    doub Y N 133 
R14 CAG   CAI    sing Y N 134 
R14 CAG   HAG    sing N N 135 
R14 CAJ   CAH    doub Y N 136 
R14 CAH   CAL    sing Y N 137 
R14 CAH   HAH    sing N N 138 
R14 CAI   CBO    doub Y N 139 
R14 CAI   HAI    sing N N 140 
R14 CBP   CAJ    sing Y N 141 
R14 CAJ   HAJ    sing N N 142 
R14 CAK   CBQ    sing Y N 143 
R14 CAK   HAK    sing N N 144 
R14 CBR   CAL    doub Y N 145 
R14 CAL   HAL    sing N N 146 
R14 CAO   CAM    doub Y N 147 
R14 CAM   CBS    sing Y N 148 
R14 CAM   HAM    sing N N 149 
R14 CAN   CBT    doub Y N 150 
R14 CAN   CAP    sing Y N 151 
R14 CAN   HAN    sing N N 152 
R14 CBW   CAO    sing Y N 153 
R14 CAO   HAO    sing N N 154 
R14 CAP   CBX    doub Y N 155 
R14 CAP   HAP    sing N N 156 
R14 CBQ   CAQ    doub Y N 157 
R14 CAQ   CBO    sing Y N 158 
R14 CAQ   HAQ    sing N N 159 
R14 CBP   CAR    doub Y N 160 
R14 CAR   CBR    sing Y N 161 
R14 CAR   HAR    sing N N 162 
R14 CBY   CAS    sing Y N 163 
R14 CAS   CBS    doub Y N 164 
R14 CAS   HAS    sing N N 165 
R14 CBT   CAT    sing Y N 166 
R14 CAT   CBZ    doub Y N 167 
R14 CAT   HAT    sing N N 168 
R14 CBX   CAU    sing Y N 169 
R14 CAU   CBW    doub Y N 170 
R14 CAU   HAU    sing N N 171 
R14 NCC   CAV    sing Y N 172 
R14 CAV   CBU    doub Y N 173 
R14 CAV   HAV    sing N N 174 
R14 CBV   CAW    doub Y N 175 
R14 NCD   CAW    sing Y N 176 
R14 CAW   HAW    sing N N 177 
R14 NCA   CAX    sing N N 178 
R14 CAX   HAX    sing N N 179 
R14 CAX   HAXA   sing N N 180 
R14 CAY   NCA    sing N N 181 
R14 CAY   HAY    sing N N 182 
R14 CAY   HAYA   sing N N 183 
R14 CAZ   NCB    sing N N 184 
R14 CAZ   HAZ    sing N N 185 
R14 CAZ   HAZA   sing N N 186 
R14 NCB   CBA    sing N N 187 
R14 CBA   HBA    sing N N 188 
R14 CBA   HBAA   sing N N 189 
R14 CBM   CBB    sing N N 190 
R14 CBB   CBD    sing N N 191 
R14 CBB   HBB    sing N N 192 
R14 CBB   HBBA   sing N N 193 
R14 CBE   CBC    sing N N 194 
R14 CBC   CBN    sing N N 195 
R14 CBC   HBC    sing N N 196 
R14 CBC   HBCA   sing N N 197 
R14 CBD   NCA    sing N N 198 
R14 CBD   HBD    sing N N 199 
R14 CBD   HBDA   sing N N 200 
R14 NCB   CBE    sing N N 201 
R14 CBE   HBE    sing N N 202 
R14 CBE   HBEA   sing N N 203 
R14 NBH   NBF    doub Y N 204 
R14 CBU   NBF    sing Y N 205 
R14 NBG   NBI    doub Y N 206 
R14 NBG   CBV    sing Y N 207 
R14 NCC   NBH    sing Y N 208 
R14 NBI   NCD    sing Y N 209 
R14 CBZ   NBJ    sing Y N 210 
R14 NBJ   CBY    doub Y N 211 
R14 CBO   NBK    sing N N 212 
R14 NBK   CBM    sing N N 213 
R14 NBK   HNBK   sing N N 214 
R14 CBN   NBL    sing N N 215 
R14 NBL   CBP    sing N N 216 
R14 NBL   HNBL   sing N N 217 
R14 CBU   CBQ    sing Y N 218 
R14 CBR   CBV    sing Y N 219 
R14 CBS   NCC    sing Y N 220 
R14 NCD   CBT    sing Y N 221 
R14 CBW   CBY    sing Y N 222 
R14 CBX   CBZ    sing Y N 223 
# 
loop_
_ndb_struct_conf_na.entry_id 
_ndb_struct_conf_na.feature 
3QCR 'double helix'         
3QCR 'parallel strands'     
3QCR 'mismatched base pair' 
# 
loop_
_ndb_struct_na_base_pair.model_number 
_ndb_struct_na_base_pair.i_label_asym_id 
_ndb_struct_na_base_pair.i_label_comp_id 
_ndb_struct_na_base_pair.i_label_seq_id 
_ndb_struct_na_base_pair.i_symmetry 
_ndb_struct_na_base_pair.j_label_asym_id 
_ndb_struct_na_base_pair.j_label_comp_id 
_ndb_struct_na_base_pair.j_label_seq_id 
_ndb_struct_na_base_pair.j_symmetry 
_ndb_struct_na_base_pair.shear 
_ndb_struct_na_base_pair.stretch 
_ndb_struct_na_base_pair.stagger 
_ndb_struct_na_base_pair.buckle 
_ndb_struct_na_base_pair.propeller 
_ndb_struct_na_base_pair.opening 
_ndb_struct_na_base_pair.pair_number 
_ndb_struct_na_base_pair.pair_name 
_ndb_struct_na_base_pair.i_auth_asym_id 
_ndb_struct_na_base_pair.i_auth_seq_id 
_ndb_struct_na_base_pair.i_PDB_ins_code 
_ndb_struct_na_base_pair.j_auth_asym_id 
_ndb_struct_na_base_pair.j_auth_seq_id 
_ndb_struct_na_base_pair.j_PDB_ins_code 
_ndb_struct_na_base_pair.hbond_type_28 
_ndb_struct_na_base_pair.hbond_type_12 
1 A DG 3 1_555 A DG 9  1_555 2.134 3.798 0.129  1.754 -1.922  -90.215  1 A_DG3:DG9_A  A 3 ? A 9  ? 6 3 
1 A DG 4 1_555 A DG 10 1_555 2.372 2.864 -0.088 9.767 -7.445  -94.829  2 A_DG4:DG10_A A 4 ? A 10 ? 6 3 
1 A DG 5 1_555 A DG 11 1_555 1.344 2.825 0.129  8.413 -15.050 -100.272 3 A_DG5:DG11_A A 5 ? A 11 ? 6 3 
# 
loop_
_ndb_struct_na_base_pair_step.model_number 
_ndb_struct_na_base_pair_step.i_label_asym_id_1 
_ndb_struct_na_base_pair_step.i_label_comp_id_1 
_ndb_struct_na_base_pair_step.i_label_seq_id_1 
_ndb_struct_na_base_pair_step.i_symmetry_1 
_ndb_struct_na_base_pair_step.j_label_asym_id_1 
_ndb_struct_na_base_pair_step.j_label_comp_id_1 
_ndb_struct_na_base_pair_step.j_label_seq_id_1 
_ndb_struct_na_base_pair_step.j_symmetry_1 
_ndb_struct_na_base_pair_step.i_label_asym_id_2 
_ndb_struct_na_base_pair_step.i_label_comp_id_2 
_ndb_struct_na_base_pair_step.i_label_seq_id_2 
_ndb_struct_na_base_pair_step.i_symmetry_2 
_ndb_struct_na_base_pair_step.j_label_asym_id_2 
_ndb_struct_na_base_pair_step.j_label_comp_id_2 
_ndb_struct_na_base_pair_step.j_label_seq_id_2 
_ndb_struct_na_base_pair_step.j_symmetry_2 
_ndb_struct_na_base_pair_step.shift 
_ndb_struct_na_base_pair_step.slide 
_ndb_struct_na_base_pair_step.rise 
_ndb_struct_na_base_pair_step.tilt 
_ndb_struct_na_base_pair_step.roll 
_ndb_struct_na_base_pair_step.twist 
_ndb_struct_na_base_pair_step.x_displacement 
_ndb_struct_na_base_pair_step.y_displacement 
_ndb_struct_na_base_pair_step.helical_rise 
_ndb_struct_na_base_pair_step.inclination 
_ndb_struct_na_base_pair_step.tip 
_ndb_struct_na_base_pair_step.helical_twist 
_ndb_struct_na_base_pair_step.step_number 
_ndb_struct_na_base_pair_step.step_name 
_ndb_struct_na_base_pair_step.i_auth_asym_id_1 
_ndb_struct_na_base_pair_step.i_auth_seq_id_1 
_ndb_struct_na_base_pair_step.i_PDB_ins_code_1 
_ndb_struct_na_base_pair_step.j_auth_asym_id_1 
_ndb_struct_na_base_pair_step.j_auth_seq_id_1 
_ndb_struct_na_base_pair_step.j_PDB_ins_code_1 
_ndb_struct_na_base_pair_step.i_auth_asym_id_2 
_ndb_struct_na_base_pair_step.i_auth_seq_id_2 
_ndb_struct_na_base_pair_step.i_PDB_ins_code_2 
_ndb_struct_na_base_pair_step.j_auth_asym_id_2 
_ndb_struct_na_base_pair_step.j_auth_seq_id_2 
_ndb_struct_na_base_pair_step.j_PDB_ins_code_2 
1 A DG 3 1_555 A DG 9  1_555 A DG 4 1_555 A DG 10 1_555 -0.353 -0.399 2.974 4.189  5.097 34.259 -1.358 1.159 2.826 8.554 -7.030 
34.869 1 AA_DG3DG4:DG10DG9_AA  A 3 ? A 9  ? A 4 ? A 10 ? 
1 A DG 4 1_555 A DG 10 1_555 A DG 5 1_555 A DG 11 1_555 -0.857 -0.802 2.972 -0.802 2.670 26.164 -2.408 1.688 2.901 5.877 1.765  
26.309 2 AA_DG4DG5:DG11DG10_AA A 4 ? A 10 ? A 5 ? A 11 ? 
# 
loop_
_pdbx_entity_nonpoly.entity_id 
_pdbx_entity_nonpoly.name 
_pdbx_entity_nonpoly.comp_id 
2 'POTASSIUM ION'                                                                                           K   
3 "N,N'-[acridine-3,6-diylbis(1H-1,2,3-triazole-1,4-diylbenzene-3,1-diyl)]bis[3-(diethylamino)propanamide]" R14 
# 
_pdbx_initial_refinement_model.id               1 
_pdbx_initial_refinement_model.entity_id_list   ? 
_pdbx_initial_refinement_model.type             'experimental model' 
_pdbx_initial_refinement_model.source_name      PDB 
_pdbx_initial_refinement_model.accession_code   1K8P 
_pdbx_initial_refinement_model.details          'PDB entry 1K8P' 
# 
